data_5SAE
#
_entry.id   5SAE
#
_cell.length_a   150.168
_cell.length_b   150.168
_cell.length_c   111.688
_cell.angle_alpha   90.000
_cell.angle_beta   90.000
_cell.angle_gamma   120.000
#
_symmetry.space_group_name_H-M   'P 63'
#
loop_
_entity.id
_entity.type
_entity.pdbx_description
1 polymer 'Uridylate-specific endoribonuclease'
2 non-polymer 'CITRIC ACID'
3 non-polymer pyridazin-3(2H)-one
4 water water
#
_entity_poly.entity_id   1
_entity_poly.type   'polypeptide(L)'
_entity_poly.pdbx_seq_one_letter_code
;GAMSLENVAFNVVNKGHFDGQQGEVPVSIINNTVYTKVDGVDVELFENKTTLPVNVAFELWAKRNIKPVPEVKILNNLGV
DIAANTVIWDYKRDAPAHISTIGVCSMTDIAKKPTETICAPLTVFFDGRVDGQVDLFRNARNGVLITEGSVKGLQPSVGP
KQASLNGVTLIGEAVKTQFNYYKKVDGVVQQLPETYFTQSRNLQEFKPRSQMEIDFLELAMDEFIERYKLEGYAFEHIVY
GDFSHSQLGGLHLLIGLAKRFKESPFELEDFIPMDSTVKNYFITDAQTGSSKCVCSVIDLLLDDFVEIIKSQDLSVVSKV
VKVTIDYTEISFMLWCKDGHVETFYPKLQ
;
_entity_poly.pdbx_strand_id   A,B
#
loop_
_chem_comp.id
_chem_comp.type
_chem_comp.name
_chem_comp.formula
CIT non-polymer 'CITRIC ACID' 'C6 H8 O7'
W3G non-polymer pyridazin-3(2H)-one 'C4 H4 N2 O'
#
# COMPACT_ATOMS: atom_id res chain seq x y z
N ALA A 2 -18.16 30.40 -8.18
CA ALA A 2 -19.46 31.05 -8.23
C ALA A 2 -20.32 30.69 -7.03
N MET A 3 -19.67 30.67 -5.85
CA MET A 3 -20.27 30.30 -4.57
C MET A 3 -21.22 31.36 -3.97
N SER A 4 -22.39 30.87 -3.55
CA SER A 4 -23.41 31.69 -2.90
C SER A 4 -24.23 30.88 -1.92
N LEU A 5 -24.89 31.57 -1.00
CA LEU A 5 -25.78 30.94 -0.04
C LEU A 5 -26.95 30.28 -0.80
N GLU A 6 -27.51 30.99 -1.79
CA GLU A 6 -28.65 30.54 -2.60
C GLU A 6 -28.30 29.35 -3.49
N ASN A 7 -27.05 29.26 -3.95
CA ASN A 7 -26.57 28.12 -4.71
C ASN A 7 -26.31 26.92 -3.80
N VAL A 8 -25.73 27.12 -2.61
CA VAL A 8 -25.50 26.02 -1.66
C VAL A 8 -26.87 25.39 -1.29
N ALA A 9 -27.88 26.25 -1.02
CA ALA A 9 -29.27 25.88 -0.73
C ALA A 9 -29.97 25.17 -1.88
N PHE A 10 -29.73 25.60 -3.14
CA PHE A 10 -30.26 24.95 -4.33
C PHE A 10 -29.71 23.53 -4.41
N ASN A 11 -28.41 23.36 -4.17
CA ASN A 11 -27.76 22.07 -4.19
C ASN A 11 -28.31 21.17 -3.10
N VAL A 12 -28.50 21.70 -1.88
CA VAL A 12 -29.08 20.91 -0.78
C VAL A 12 -30.47 20.40 -1.16
N VAL A 13 -31.37 21.30 -1.60
CA VAL A 13 -32.73 21.00 -1.99
C VAL A 13 -32.82 19.99 -3.14
N ASN A 14 -31.99 20.15 -4.19
CA ASN A 14 -32.07 19.30 -5.37
C ASN A 14 -31.17 18.10 -5.44
N LYS A 15 -30.03 18.13 -4.76
CA LYS A 15 -29.03 17.06 -4.80
C LYS A 15 -28.81 16.35 -3.46
N GLY A 16 -29.47 16.81 -2.40
CA GLY A 16 -29.31 16.21 -1.08
C GLY A 16 -28.08 16.68 -0.32
N HIS A 17 -27.22 17.46 -0.97
CA HIS A 17 -25.95 17.98 -0.45
C HIS A 17 -25.32 18.88 -1.55
N PHE A 18 -24.16 19.52 -1.27
CA PHE A 18 -23.49 20.34 -2.27
C PHE A 18 -22.89 19.42 -3.35
N ASP A 19 -23.26 19.64 -4.61
CA ASP A 19 -22.83 18.83 -5.75
C ASP A 19 -22.28 19.68 -6.93
N GLY A 20 -21.99 20.95 -6.69
CA GLY A 20 -21.46 21.85 -7.70
C GLY A 20 -22.40 22.21 -8.83
N GLN A 21 -23.70 21.95 -8.65
CA GLN A 21 -24.73 22.22 -9.65
C GLN A 21 -25.09 23.68 -9.68
N GLN A 22 -25.45 24.20 -10.84
CA GLN A 22 -25.83 25.60 -10.98
C GLN A 22 -27.31 25.80 -10.61
N GLY A 23 -27.61 26.94 -10.00
CA GLY A 23 -28.98 27.26 -9.64
C GLY A 23 -29.09 27.93 -8.28
N GLU A 24 -30.21 28.61 -8.06
CA GLU A 24 -30.45 29.31 -6.81
C GLU A 24 -31.87 29.10 -6.33
N VAL A 25 -32.07 28.99 -5.01
CA VAL A 25 -33.38 28.91 -4.37
C VAL A 25 -33.47 30.08 -3.37
N PRO A 26 -34.67 30.66 -3.16
CA PRO A 26 -34.77 31.77 -2.20
C PRO A 26 -34.51 31.27 -0.78
N VAL A 27 -33.62 31.96 -0.05
CA VAL A 27 -33.24 31.57 1.30
C VAL A 27 -33.54 32.65 2.29
N SER A 28 -33.93 32.26 3.49
CA SER A 28 -34.07 33.20 4.59
C SER A 28 -33.31 32.66 5.82
N ILE A 29 -32.62 33.56 6.52
CA ILE A 29 -31.88 33.20 7.69
C ILE A 29 -32.50 33.83 8.92
N ILE A 30 -32.98 33.00 9.84
CA ILE A 30 -33.59 33.50 11.06
C ILE A 30 -33.03 32.70 12.19
N ASN A 31 -32.63 33.33 13.32
N ASN A 31 -32.21 33.50 12.88
CA ASN A 31 -32.14 32.64 14.54
CA ASN A 31 -31.33 33.28 14.00
C ASN A 31 -31.58 31.17 14.40
C ASN A 31 -30.23 32.33 13.53
N ASN A 32 -30.34 31.09 13.88
CA ASN A 32 -29.47 29.95 13.59
C ASN A 32 -30.06 28.92 12.69
N THR A 33 -31.08 29.28 11.92
CA THR A 33 -31.73 28.36 11.03
C THR A 33 -31.73 28.91 9.61
N VAL A 34 -31.55 28.03 8.64
CA VAL A 34 -31.60 28.35 7.23
C VAL A 34 -32.93 27.77 6.72
N TYR A 35 -33.77 28.60 6.11
CA TYR A 35 -35.03 28.19 5.52
C TYR A 35 -34.99 28.41 4.02
N THR A 36 -35.91 27.76 3.32
CA THR A 36 -36.12 27.96 1.89
C THR A 36 -37.62 28.05 1.62
N LYS A 37 -38.03 28.92 0.69
CA LYS A 37 -39.44 29.05 0.35
C LYS A 37 -39.81 27.90 -0.61
N VAL A 38 -40.80 27.08 -0.22
CA VAL A 38 -41.31 25.98 -1.04
C VAL A 38 -42.81 26.19 -1.08
N ASP A 39 -43.33 26.68 -2.22
CA ASP A 39 -44.75 26.95 -2.41
C ASP A 39 -45.33 27.97 -1.42
N GLY A 40 -44.62 29.08 -1.26
CA GLY A 40 -45.07 30.16 -0.39
C GLY A 40 -44.81 30.00 1.10
N VAL A 41 -44.31 28.82 1.54
CA VAL A 41 -43.99 28.63 2.97
C VAL A 41 -42.54 28.24 3.19
N ASP A 42 -41.99 28.65 4.33
CA ASP A 42 -40.61 28.36 4.68
C ASP A 42 -40.43 26.97 5.20
N VAL A 43 -39.46 26.26 4.65
CA VAL A 43 -39.14 24.90 5.02
C VAL A 43 -37.71 24.94 5.56
N GLU A 44 -37.51 24.41 6.76
CA GLU A 44 -36.19 24.39 7.40
C GLU A 44 -35.22 23.45 6.68
N LEU A 45 -34.04 23.96 6.31
CA LEU A 45 -33.00 23.21 5.66
C LEU A 45 -31.86 22.85 6.62
N PHE A 46 -31.59 23.72 7.61
CA PHE A 46 -30.46 23.50 8.49
C PHE A 46 -30.57 24.30 9.79
N GLU A 47 -30.35 23.62 10.91
CA GLU A 47 -30.25 24.27 12.19
C GLU A 47 -28.79 24.22 12.61
N ASN A 48 -28.19 25.39 12.77
CA ASN A 48 -26.84 25.52 13.19
C ASN A 48 -26.64 25.15 14.67
N LYS A 49 -25.90 24.06 14.91
CA LYS A 49 -25.51 23.58 16.24
C LYS A 49 -24.01 23.88 16.52
N THR A 50 -23.33 24.57 15.59
CA THR A 50 -21.91 24.92 15.63
C THR A 50 -21.70 26.33 16.26
N THR A 51 -20.44 26.68 16.49
CA THR A 51 -20.04 28.01 16.97
C THR A 51 -19.64 28.94 15.77
N LEU A 52 -19.89 28.49 14.53
CA LEU A 52 -19.61 29.26 13.32
C LEU A 52 -20.87 30.01 12.95
N PRO A 53 -20.77 31.09 12.13
CA PRO A 53 -22.00 31.74 11.64
C PRO A 53 -22.89 30.75 10.87
N VAL A 54 -24.22 30.86 11.04
CA VAL A 54 -25.23 29.97 10.48
C VAL A 54 -25.02 29.66 9.00
N ASN A 55 -24.74 30.69 8.16
CA ASN A 55 -24.56 30.48 6.73
C ASN A 55 -23.27 29.78 6.36
N VAL A 56 -22.22 29.99 7.17
CA VAL A 56 -20.93 29.37 7.02
C VAL A 56 -21.05 27.89 7.42
N ALA A 57 -21.70 27.60 8.57
CA ALA A 57 -21.87 26.21 9.01
C ALA A 57 -22.74 25.42 8.03
N PHE A 58 -23.75 26.08 7.43
CA PHE A 58 -24.64 25.49 6.43
C PHE A 58 -23.85 25.04 5.21
N GLU A 59 -22.95 25.89 4.72
CA GLU A 59 -22.11 25.59 3.58
C GLU A 59 -21.14 24.47 3.87
N LEU A 60 -20.54 24.43 5.07
CA LEU A 60 -19.62 23.37 5.42
C LEU A 60 -20.34 22.02 5.58
N TRP A 61 -21.56 22.04 6.08
CA TRP A 61 -22.35 20.83 6.22
C TRP A 61 -22.78 20.35 4.82
N ALA A 62 -23.22 21.25 3.94
CA ALA A 62 -23.55 20.89 2.56
C ALA A 62 -22.33 20.31 1.85
N LYS A 63 -21.14 20.88 2.10
CA LYS A 63 -19.89 20.44 1.49
C LYS A 63 -19.18 19.32 2.24
N ARG A 64 -19.88 18.62 3.15
CA ARG A 64 -19.35 17.51 3.91
C ARG A 64 -18.98 16.34 3.01
N ASN A 65 -18.04 15.52 3.46
CA ASN A 65 -17.62 14.33 2.76
C ASN A 65 -18.70 13.25 2.94
N ILE A 66 -19.29 12.82 1.82
CA ILE A 66 -20.31 11.80 1.80
C ILE A 66 -19.76 10.40 1.42
N LYS A 67 -18.42 10.23 1.44
CA LYS A 67 -17.79 8.93 1.22
C LYS A 67 -17.47 8.36 2.60
N PRO A 68 -17.30 7.03 2.79
CA PRO A 68 -16.91 6.54 4.13
C PRO A 68 -15.58 7.16 4.54
N VAL A 69 -15.54 7.90 5.65
CA VAL A 69 -14.32 8.56 6.10
C VAL A 69 -13.89 8.03 7.46
N PRO A 70 -12.60 8.20 7.85
CA PRO A 70 -12.20 7.76 9.19
C PRO A 70 -13.05 8.43 10.29
N GLU A 71 -13.36 7.69 11.37
CA GLU A 71 -14.12 8.26 12.48
C GLU A 71 -13.29 9.37 13.14
N VAL A 72 -13.95 10.46 13.56
CA VAL A 72 -13.31 11.66 14.10
C VAL A 72 -12.32 11.31 15.25
N LYS A 73 -12.63 10.32 16.10
CA LYS A 73 -11.72 9.88 17.16
C LYS A 73 -10.36 9.42 16.60
N ILE A 74 -10.33 8.72 15.44
CA ILE A 74 -9.09 8.28 14.80
C ILE A 74 -8.29 9.50 14.31
N LEU A 75 -8.96 10.43 13.63
CA LEU A 75 -8.34 11.65 13.08
C LEU A 75 -7.74 12.48 14.19
N ASN A 76 -8.42 12.59 15.33
CA ASN A 76 -7.95 13.34 16.50
C ASN A 76 -6.77 12.66 17.11
N ASN A 77 -6.82 11.33 17.24
CA ASN A 77 -5.75 10.54 17.83
C ASN A 77 -4.48 10.59 17.02
N LEU A 78 -4.60 10.76 15.68
CA LEU A 78 -3.52 10.92 14.71
C LEU A 78 -3.09 12.38 14.53
N GLY A 79 -3.66 13.31 15.28
CA GLY A 79 -3.27 14.70 15.24
C GLY A 79 -3.69 15.52 14.04
N VAL A 80 -4.77 15.12 13.32
CA VAL A 80 -5.26 15.86 12.15
C VAL A 80 -5.84 17.22 12.57
N ASP A 81 -5.36 18.29 11.93
CA ASP A 81 -5.78 19.68 12.20
C ASP A 81 -6.78 20.20 11.16
N ILE A 82 -6.64 19.76 9.91
CA ILE A 82 -7.42 20.26 8.80
C ILE A 82 -7.50 19.18 7.72
N ALA A 83 -8.54 19.21 6.87
CA ALA A 83 -8.63 18.27 5.76
C ALA A 83 -8.31 18.96 4.43
N ALA A 84 -7.75 18.23 3.47
CA ALA A 84 -7.45 18.79 2.16
C ALA A 84 -8.64 18.74 1.23
N ASN A 85 -9.22 19.89 0.92
CA ASN A 85 -10.29 20.09 -0.07
C ASN A 85 -11.55 19.27 0.18
N THR A 86 -11.90 19.08 1.44
CA THR A 86 -13.09 18.40 1.90
C THR A 86 -13.42 18.88 3.33
N VAL A 87 -14.63 18.52 3.83
CA VAL A 87 -15.05 18.81 5.18
C VAL A 87 -15.38 17.48 5.83
N ILE A 88 -14.69 17.13 6.92
CA ILE A 88 -15.04 15.95 7.69
C ILE A 88 -16.06 16.47 8.69
N TRP A 89 -17.30 16.01 8.56
CA TRP A 89 -18.36 16.45 9.44
C TRP A 89 -18.42 15.57 10.68
N ASP A 90 -18.40 16.21 11.85
CA ASP A 90 -18.47 15.52 13.11
C ASP A 90 -19.95 15.43 13.47
N TYR A 91 -20.54 14.24 13.29
CA TYR A 91 -21.94 14.00 13.57
C TYR A 91 -22.26 13.86 15.09
N LYS A 92 -21.23 13.63 15.91
CA LYS A 92 -21.37 13.56 17.37
C LYS A 92 -21.49 14.99 17.93
N ARG A 93 -20.78 15.95 17.33
CA ARG A 93 -20.83 17.35 17.74
C ARG A 93 -21.77 18.19 16.85
N ASP A 94 -22.29 17.64 15.74
CA ASP A 94 -23.09 18.37 14.73
C ASP A 94 -22.33 19.61 14.26
N ALA A 95 -21.06 19.45 13.97
CA ALA A 95 -20.19 20.56 13.59
C ALA A 95 -19.06 20.05 12.74
N PRO A 96 -18.35 20.95 12.00
CA PRO A 96 -17.17 20.49 11.27
C PRO A 96 -16.14 19.93 12.27
N ALA A 97 -15.41 18.86 11.90
CA ALA A 97 -14.41 18.27 12.77
C ALA A 97 -13.19 19.18 12.97
N HIS A 98 -12.96 20.12 12.04
CA HIS A 98 -11.81 21.01 12.02
C HIS A 98 -12.25 22.46 11.84
N ILE A 99 -11.55 23.38 12.51
CA ILE A 99 -11.85 24.82 12.50
C ILE A 99 -11.84 25.44 11.12
N SER A 100 -10.74 25.20 10.37
CA SER A 100 -10.51 25.78 9.07
C SER A 100 -10.60 24.74 7.95
N THR A 101 -10.68 25.23 6.71
CA THR A 101 -10.74 24.40 5.52
C THR A 101 -9.60 24.78 4.53
N ILE A 102 -9.42 23.95 3.50
CA ILE A 102 -8.47 24.21 2.42
C ILE A 102 -9.29 23.98 1.16
N GLY A 103 -9.53 25.02 0.37
CA GLY A 103 -10.32 24.93 -0.86
C GLY A 103 -11.77 24.48 -0.73
N VAL A 104 -12.45 24.86 0.35
CA VAL A 104 -13.84 24.47 0.58
C VAL A 104 -14.82 25.67 0.65
N CYS A 105 -14.58 26.61 1.55
CA CYS A 105 -15.48 27.70 1.82
C CYS A 105 -14.64 28.95 2.02
N SER A 106 -14.99 30.06 1.34
CA SER A 106 -14.23 31.31 1.42
C SER A 106 -14.06 31.88 2.82
N MET A 107 -15.06 31.68 3.70
CA MET A 107 -15.02 32.16 5.08
C MET A 107 -14.06 31.39 5.98
N THR A 108 -14.01 30.06 5.85
CA THR A 108 -13.18 29.22 6.71
C THR A 108 -11.81 28.85 6.13
N ASP A 109 -11.61 29.06 4.82
CA ASP A 109 -10.39 28.71 4.11
C ASP A 109 -9.17 29.42 4.57
N ILE A 110 -8.13 28.67 4.93
CA ILE A 110 -6.82 29.28 5.24
C ILE A 110 -5.91 29.29 3.99
N ALA A 111 -6.28 28.51 2.96
CA ALA A 111 -5.59 28.27 1.70
C ALA A 111 -6.58 27.65 0.70
N LYS A 112 -6.25 27.65 -0.60
CA LYS A 112 -7.03 26.99 -1.65
C LYS A 112 -6.46 25.59 -1.92
N LYS A 113 -5.13 25.44 -1.80
CA LYS A 113 -4.39 24.20 -2.03
C LYS A 113 -3.56 23.85 -0.80
N PRO A 114 -3.48 22.56 -0.42
CA PRO A 114 -2.67 22.21 0.77
C PRO A 114 -1.16 22.41 0.63
N THR A 115 -0.71 22.87 -0.55
CA THR A 115 0.67 23.18 -0.86
C THR A 115 1.07 24.58 -0.39
N GLU A 116 0.10 25.43 0.05
CA GLU A 116 0.36 26.78 0.55
C GLU A 116 1.14 26.72 1.85
N THR A 117 2.11 27.64 2.03
CA THR A 117 3.02 27.57 3.18
C THR A 117 2.30 27.63 4.53
N ILE A 118 1.04 28.12 4.57
CA ILE A 118 0.29 28.15 5.83
C ILE A 118 -0.08 26.72 6.30
N CYS A 119 -0.20 25.76 5.38
CA CYS A 119 -0.57 24.38 5.68
C CYS A 119 0.60 23.54 6.12
N ALA A 120 1.84 23.94 5.79
CA ALA A 120 3.06 23.22 6.13
C ALA A 120 3.13 22.81 7.62
N PRO A 121 2.90 23.69 8.62
CA PRO A 121 2.93 23.23 10.02
C PRO A 121 1.69 22.46 10.52
N LEU A 122 0.61 22.38 9.73
CA LEU A 122 -0.61 21.68 10.13
C LEU A 122 -0.63 20.26 9.61
N THR A 123 -1.19 19.33 10.39
CA THR A 123 -1.34 17.95 9.93
C THR A 123 -2.59 17.89 9.06
N VAL A 124 -2.38 17.94 7.73
CA VAL A 124 -3.42 17.93 6.74
C VAL A 124 -3.87 16.50 6.45
N PHE A 125 -5.18 16.25 6.40
CA PHE A 125 -5.71 14.93 6.08
C PHE A 125 -5.85 14.83 4.55
N PHE A 126 -5.29 13.78 3.97
CA PHE A 126 -5.32 13.49 2.56
C PHE A 126 -6.06 12.18 2.34
N ASP A 127 -6.84 12.15 1.27
CA ASP A 127 -7.66 11.01 0.86
C ASP A 127 -7.11 10.47 -0.47
N GLY A 128 -6.41 9.35 -0.41
CA GLY A 128 -5.83 8.70 -1.56
C GLY A 128 -6.82 8.28 -2.62
N ARG A 129 -8.12 8.25 -2.27
CA ARG A 129 -9.20 7.94 -3.22
C ARG A 129 -9.48 9.11 -4.20
N VAL A 130 -9.00 10.32 -3.91
CA VAL A 130 -9.15 11.53 -4.72
C VAL A 130 -7.82 11.71 -5.47
N ASP A 131 -7.89 11.99 -6.77
CA ASP A 131 -6.72 12.19 -7.61
C ASP A 131 -5.77 13.27 -7.08
N GLY A 132 -4.47 12.97 -7.13
CA GLY A 132 -3.42 13.88 -6.71
C GLY A 132 -3.20 14.04 -5.21
N GLN A 133 -3.98 13.36 -4.34
CA GLN A 133 -3.83 13.53 -2.89
C GLN A 133 -2.69 12.72 -2.28
N VAL A 134 -2.35 11.55 -2.85
CA VAL A 134 -1.17 10.81 -2.38
C VAL A 134 0.11 11.66 -2.66
N ASP A 135 0.15 12.39 -3.79
CA ASP A 135 1.25 13.29 -4.14
C ASP A 135 1.30 14.49 -3.23
N LEU A 136 0.15 15.02 -2.86
CA LEU A 136 0.08 16.15 -1.96
C LEU A 136 0.55 15.74 -0.56
N PHE A 137 0.33 14.48 -0.15
CA PHE A 137 0.82 13.97 1.12
C PHE A 137 2.36 13.88 1.08
N ARG A 138 2.90 13.38 -0.03
CA ARG A 138 4.35 13.26 -0.24
C ARG A 138 5.01 14.64 -0.15
N ASN A 139 4.36 15.69 -0.66
CA ASN A 139 4.92 17.04 -0.61
C ASN A 139 4.66 17.77 0.70
N ALA A 140 3.62 17.36 1.46
CA ALA A 140 3.22 17.96 2.75
C ALA A 140 4.28 17.81 3.84
N ARG A 141 4.53 18.86 4.62
CA ARG A 141 5.44 18.76 5.76
C ARG A 141 4.76 17.90 6.84
N ASN A 142 3.47 18.11 7.09
CA ASN A 142 2.72 17.29 8.05
C ASN A 142 1.43 16.80 7.40
N GLY A 143 1.03 15.58 7.76
CA GLY A 143 -0.19 15.03 7.22
C GLY A 143 -0.53 13.61 7.60
N VAL A 144 -1.77 13.22 7.35
CA VAL A 144 -2.30 11.87 7.55
C VAL A 144 -2.92 11.47 6.23
N LEU A 145 -2.59 10.30 5.71
CA LEU A 145 -3.10 9.83 4.44
C LEU A 145 -3.88 8.55 4.62
N ILE A 146 -5.04 8.45 3.96
CA ILE A 146 -5.78 7.19 3.90
C ILE A 146 -5.80 6.70 2.47
N THR A 147 -5.62 5.40 2.28
CA THR A 147 -5.68 4.80 0.95
C THR A 147 -6.44 3.47 1.00
N GLU A 148 -6.93 3.04 -0.16
CA GLU A 148 -7.60 1.77 -0.31
C GLU A 148 -6.62 0.63 -0.71
N GLY A 149 -5.44 0.98 -1.22
CA GLY A 149 -4.40 0.02 -1.58
C GLY A 149 -3.01 0.45 -1.18
N SER A 150 -1.99 -0.14 -1.82
CA SER A 150 -0.60 0.19 -1.51
C SER A 150 -0.09 1.44 -2.21
N VAL A 151 0.79 2.20 -1.55
CA VAL A 151 1.46 3.36 -2.11
C VAL A 151 2.93 2.95 -2.19
N LYS A 152 3.55 2.94 -3.40
CA LYS A 152 4.90 2.46 -3.58
C LYS A 152 5.91 3.13 -2.60
N GLY A 153 6.61 2.29 -1.83
CA GLY A 153 7.58 2.76 -0.85
C GLY A 153 7.06 3.07 0.55
N LEU A 154 5.80 3.53 0.67
CA LEU A 154 5.19 3.88 1.95
C LEU A 154 4.70 2.67 2.74
N GLN A 155 5.24 2.45 3.94
CA GLN A 155 4.84 1.33 4.81
C GLN A 155 3.49 1.61 5.43
N PRO A 156 2.47 0.76 5.18
CA PRO A 156 1.13 1.06 5.67
C PRO A 156 0.81 0.64 7.09
N SER A 157 -0.24 1.24 7.61
CA SER A 157 -0.79 0.85 8.90
C SER A 157 -2.23 0.44 8.57
N VAL A 158 -2.61 -0.82 8.80
CA VAL A 158 -3.99 -1.24 8.52
C VAL A 158 -4.88 -0.63 9.61
N GLY A 159 -5.82 0.22 9.21
CA GLY A 159 -6.71 0.89 10.15
C GLY A 159 -7.88 0.03 10.56
N PRO A 160 -8.86 0.64 11.27
CA PRO A 160 -10.03 -0.13 11.67
C PRO A 160 -10.90 -0.59 10.51
N LYS A 161 -11.65 -1.67 10.71
CA LYS A 161 -12.55 -2.22 9.69
C LYS A 161 -13.66 -1.23 9.34
N GLN A 162 -14.10 -0.44 10.35
CA GLN A 162 -15.19 0.50 10.25
C GLN A 162 -14.77 1.93 9.92
N ALA A 163 -15.64 2.62 9.22
CA ALA A 163 -15.50 4.03 8.89
C ALA A 163 -16.91 4.69 9.07
N SER A 164 -16.99 6.01 8.98
CA SER A 164 -18.24 6.73 9.10
C SER A 164 -18.76 7.15 7.70
N LEU A 165 -19.95 6.66 7.30
CA LEU A 165 -20.56 7.08 6.04
C LEU A 165 -21.81 7.91 6.40
N ASN A 166 -21.74 9.24 6.31
CA ASN A 166 -22.85 10.15 6.62
C ASN A 166 -23.35 10.00 8.05
N GLY A 167 -22.43 9.79 8.95
CA GLY A 167 -22.74 9.66 10.37
C GLY A 167 -23.05 8.25 10.81
N VAL A 168 -23.11 7.29 9.87
CA VAL A 168 -23.39 5.91 10.21
C VAL A 168 -22.06 5.20 10.24
N THR A 169 -21.66 4.69 11.41
CA THR A 169 -20.42 3.95 11.52
C THR A 169 -20.75 2.52 11.09
N LEU A 170 -20.01 2.02 10.11
CA LEU A 170 -20.26 0.69 9.58
C LEU A 170 -18.98 0.06 9.02
N ILE A 171 -19.00 -1.28 8.91
CA ILE A 171 -17.98 -2.07 8.28
C ILE A 171 -18.59 -2.34 6.92
N GLY A 172 -18.06 -1.67 5.91
CA GLY A 172 -18.58 -1.67 4.55
C GLY A 172 -18.58 -3.00 3.83
N GLU A 173 -19.69 -3.25 3.11
CA GLU A 173 -19.89 -4.43 2.28
C GLU A 173 -19.99 -4.01 0.82
N ALA A 174 -20.72 -2.92 0.55
CA ALA A 174 -20.84 -2.37 -0.80
C ALA A 174 -19.75 -1.30 -1.09
N VAL A 175 -19.09 -0.79 -0.03
CA VAL A 175 -18.04 0.23 -0.02
C VAL A 175 -16.88 -0.26 0.82
N LYS A 176 -15.68 0.27 0.56
CA LYS A 176 -14.51 -0.07 1.35
C LYS A 176 -14.46 0.92 2.54
N THR A 177 -14.35 0.39 3.77
CA THR A 177 -14.24 1.21 4.97
C THR A 177 -12.90 0.99 5.70
N GLN A 178 -12.13 -0.07 5.35
CA GLN A 178 -10.82 -0.31 5.97
C GLN A 178 -9.72 0.34 5.13
N PHE A 179 -9.03 1.33 5.70
CA PHE A 179 -8.01 2.09 5.00
C PHE A 179 -6.61 1.79 5.49
N ASN A 180 -5.62 2.15 4.68
CA ASN A 180 -4.22 2.11 5.06
C ASN A 180 -3.95 3.51 5.57
N TYR A 181 -3.23 3.61 6.67
CA TYR A 181 -2.93 4.88 7.28
C TYR A 181 -1.49 5.22 7.17
N TYR A 182 -1.21 6.48 6.90
CA TYR A 182 0.14 7.00 6.77
C TYR A 182 0.19 8.32 7.50
N LYS A 183 1.33 8.64 8.13
CA LYS A 183 1.46 9.89 8.87
C LYS A 183 2.83 10.48 8.64
N LYS A 184 2.93 11.80 8.61
CA LYS A 184 4.18 12.52 8.42
C LYS A 184 4.26 13.61 9.45
N VAL A 185 5.39 13.70 10.14
CA VAL A 185 5.65 14.77 11.10
C VAL A 185 6.96 15.40 10.66
N ASP A 186 6.95 16.70 10.37
CA ASP A 186 8.13 17.47 9.95
C ASP A 186 8.87 16.87 8.75
N GLY A 187 8.10 16.52 7.73
CA GLY A 187 8.58 15.96 6.48
C GLY A 187 8.92 14.49 6.54
N VAL A 188 8.91 13.91 7.73
CA VAL A 188 9.32 12.53 7.94
C VAL A 188 8.13 11.61 8.14
N VAL A 189 8.02 10.57 7.31
CA VAL A 189 6.98 9.56 7.45
C VAL A 189 7.19 8.82 8.76
N GLN A 190 6.20 8.84 9.61
CA GLN A 190 6.28 8.23 10.91
C GLN A 190 5.69 6.84 10.91
N GLN A 191 6.27 5.95 11.69
CA GLN A 191 5.75 4.62 11.82
C GLN A 191 4.62 4.68 12.84
N LEU A 192 3.41 4.36 12.40
CA LEU A 192 2.28 4.32 13.30
C LEU A 192 2.41 3.08 14.18
N PRO A 193 2.08 3.22 15.46
CA PRO A 193 2.23 2.08 16.38
C PRO A 193 1.30 0.90 16.11
N GLU A 194 1.65 -0.25 16.72
CA GLU A 194 0.79 -1.42 16.72
C GLU A 194 -0.34 -1.05 17.70
N THR A 195 -1.57 -1.22 17.26
CA THR A 195 -2.71 -0.75 18.03
C THR A 195 -3.89 -1.69 18.01
N TYR A 196 -4.73 -1.55 19.03
CA TYR A 196 -6.03 -2.20 19.09
C TYR A 196 -6.97 -1.14 18.54
N PHE A 197 -8.17 -1.54 18.15
CA PHE A 197 -9.18 -0.58 17.71
C PHE A 197 -10.43 -0.72 18.53
N THR A 198 -11.07 0.40 18.84
CA THR A 198 -12.37 0.38 19.50
C THR A 198 -13.38 -0.06 18.43
N GLN A 199 -14.45 -0.77 18.85
CA GLN A 199 -15.42 -1.35 17.93
C GLN A 199 -16.54 -0.40 17.47
N SER A 200 -16.69 0.77 18.12
CA SER A 200 -17.67 1.80 17.76
C SER A 200 -19.13 1.36 17.77
N ARG A 201 -19.51 0.50 18.74
CA ARG A 201 -20.88 0.02 18.87
C ARG A 201 -21.76 0.90 19.76
N ASN A 202 -23.09 0.77 19.63
CA ASN A 202 -24.09 1.49 20.44
C ASN A 202 -24.54 0.58 21.55
N LEU A 203 -25.08 1.15 22.62
CA LEU A 203 -25.64 0.36 23.71
C LEU A 203 -26.99 -0.30 23.27
N GLN A 204 -27.78 0.47 22.50
CA GLN A 204 -29.10 0.07 22.01
C GLN A 204 -28.99 -1.07 20.99
N GLU A 205 -28.14 -0.89 19.95
CA GLU A 205 -28.01 -1.90 18.91
C GLU A 205 -26.68 -2.65 19.00
N PHE A 206 -26.32 -3.11 20.20
CA PHE A 206 -25.05 -3.82 20.39
C PHE A 206 -25.10 -5.24 19.84
N LYS A 207 -24.12 -5.58 19.00
CA LYS A 207 -24.03 -6.92 18.43
C LYS A 207 -22.66 -7.54 18.72
N PRO A 208 -22.64 -8.79 19.22
CA PRO A 208 -21.35 -9.44 19.50
C PRO A 208 -20.53 -9.75 18.23
N ARG A 209 -19.21 -9.56 18.31
CA ARG A 209 -18.34 -9.78 17.16
C ARG A 209 -17.31 -10.90 17.36
N SER A 210 -17.61 -11.84 18.27
CA SER A 210 -16.77 -13.01 18.56
C SER A 210 -17.54 -14.04 19.38
N GLN A 211 -17.04 -15.29 19.43
CA GLN A 211 -17.68 -16.32 20.23
C GLN A 211 -17.60 -15.96 21.74
N MET A 212 -16.53 -15.26 22.16
CA MET A 212 -16.40 -14.83 23.54
C MET A 212 -17.46 -13.77 23.89
N GLU A 213 -17.74 -12.86 22.95
CA GLU A 213 -18.74 -11.82 23.11
C GLU A 213 -20.16 -12.39 23.10
N ILE A 214 -20.40 -13.44 22.29
CA ILE A 214 -21.68 -14.16 22.23
C ILE A 214 -21.92 -14.87 23.59
N ASP A 215 -20.85 -15.43 24.18
CA ASP A 215 -20.89 -16.13 25.45
C ASP A 215 -21.04 -15.16 26.63
N PHE A 216 -20.49 -13.93 26.52
CA PHE A 216 -20.64 -12.95 27.61
C PHE A 216 -22.10 -12.54 27.75
N LEU A 217 -22.78 -12.33 26.62
CA LEU A 217 -24.16 -11.91 26.61
C LEU A 217 -25.14 -13.04 26.93
N GLU A 218 -24.75 -14.31 26.70
CA GLU A 218 -25.65 -15.44 26.96
C GLU A 218 -25.42 -16.12 28.31
N LEU A 219 -24.18 -16.50 28.61
CA LEU A 219 -23.83 -17.17 29.85
C LEU A 219 -23.99 -16.24 31.04
N ALA A 220 -24.30 -16.82 32.21
CA ALA A 220 -24.36 -16.08 33.47
C ALA A 220 -22.92 -15.70 33.86
N MET A 221 -22.77 -14.71 34.74
CA MET A 221 -21.45 -14.23 35.15
C MET A 221 -20.45 -15.33 35.56
N ASP A 222 -20.88 -16.26 36.43
CA ASP A 222 -20.03 -17.32 36.97
C ASP A 222 -19.60 -18.37 35.95
N GLU A 223 -20.48 -18.72 35.00
CA GLU A 223 -20.11 -19.72 34.00
C GLU A 223 -19.28 -19.10 32.86
N PHE A 224 -19.39 -17.77 32.61
CA PHE A 224 -18.53 -17.14 31.61
C PHE A 224 -17.11 -17.05 32.17
N ILE A 225 -16.98 -16.59 33.42
CA ILE A 225 -15.71 -16.48 34.12
C ILE A 225 -15.04 -17.86 34.25
N GLU A 226 -15.85 -18.92 34.41
CA GLU A 226 -15.33 -20.28 34.48
C GLU A 226 -14.82 -20.72 33.10
N ARG A 227 -15.69 -20.65 32.06
CA ARG A 227 -15.39 -21.05 30.68
C ARG A 227 -14.14 -20.39 30.10
N TYR A 228 -13.95 -19.10 30.39
CA TYR A 228 -12.82 -18.37 29.83
C TYR A 228 -11.63 -18.18 30.79
N LYS A 229 -11.63 -18.93 31.91
CA LYS A 229 -10.55 -18.95 32.91
C LYS A 229 -10.20 -17.55 33.42
N LEU A 230 -11.22 -16.73 33.68
CA LEU A 230 -11.05 -15.35 34.12
C LEU A 230 -11.16 -15.15 35.62
N GLU A 231 -10.95 -16.21 36.41
CA GLU A 231 -11.01 -16.10 37.87
C GLU A 231 -9.81 -15.28 38.37
N GLY A 232 -10.07 -14.32 39.25
CA GLY A 232 -9.02 -13.46 39.78
C GLY A 232 -8.69 -12.24 38.93
N TYR A 233 -9.46 -12.02 37.85
CA TYR A 233 -9.26 -10.88 36.94
C TYR A 233 -10.29 -9.75 37.13
N ALA A 234 -11.10 -9.82 38.20
CA ALA A 234 -12.12 -8.85 38.60
C ALA A 234 -13.12 -8.46 37.50
N PHE A 235 -13.53 -9.44 36.65
CA PHE A 235 -14.53 -9.14 35.61
C PHE A 235 -15.88 -8.81 36.21
N GLU A 236 -16.19 -9.34 37.40
CA GLU A 236 -17.40 -9.08 38.18
C GLU A 236 -17.53 -7.57 38.44
N HIS A 237 -16.40 -6.91 38.74
CA HIS A 237 -16.33 -5.47 38.99
C HIS A 237 -16.14 -4.66 37.69
N ILE A 238 -15.03 -4.89 36.95
CA ILE A 238 -14.66 -4.17 35.73
C ILE A 238 -15.68 -4.27 34.59
N VAL A 239 -16.09 -5.48 34.21
CA VAL A 239 -16.93 -5.68 33.05
C VAL A 239 -18.42 -5.77 33.41
N TYR A 240 -18.76 -6.59 34.39
CA TYR A 240 -20.16 -6.76 34.78
C TYR A 240 -20.74 -5.58 35.56
N GLY A 241 -19.93 -4.97 36.42
CA GLY A 241 -20.38 -3.85 37.24
C GLY A 241 -20.95 -4.29 38.57
N ASP A 242 -20.64 -3.52 39.60
CA ASP A 242 -21.11 -3.77 40.95
C ASP A 242 -22.20 -2.72 41.22
N PHE A 243 -23.46 -3.15 41.38
CA PHE A 243 -24.55 -2.22 41.63
C PHE A 243 -25.05 -2.26 43.07
N SER A 244 -24.28 -2.87 43.98
CA SER A 244 -24.71 -3.06 45.37
C SER A 244 -24.52 -1.85 46.27
N HIS A 245 -23.57 -0.96 45.95
CA HIS A 245 -23.34 0.24 46.76
C HIS A 245 -23.78 1.53 46.05
N SER A 246 -23.84 2.65 46.78
CA SER A 246 -24.25 3.93 46.22
C SER A 246 -23.34 4.35 45.07
N GLN A 247 -22.04 4.03 45.15
CA GLN A 247 -21.15 4.27 44.03
C GLN A 247 -21.10 2.99 43.18
N LEU A 248 -21.46 3.13 41.90
CA LEU A 248 -21.46 2.06 40.91
C LEU A 248 -20.02 1.61 40.72
N GLY A 249 -19.77 0.33 40.91
CA GLY A 249 -18.45 -0.26 40.80
C GLY A 249 -18.16 -0.74 39.41
N GLY A 250 -16.98 -0.39 38.91
CA GLY A 250 -16.50 -0.78 37.59
C GLY A 250 -17.36 -0.30 36.44
N LEU A 251 -17.76 -1.25 35.58
CA LEU A 251 -18.58 -1.03 34.40
C LEU A 251 -17.84 -0.17 33.35
N HIS A 252 -16.65 -0.61 32.94
CA HIS A 252 -15.82 0.17 32.02
C HIS A 252 -15.78 -0.36 30.59
N LEU A 253 -16.43 -1.50 30.29
CA LEU A 253 -16.46 -2.06 28.95
C LEU A 253 -17.86 -1.92 28.39
N LEU A 254 -18.02 -1.47 27.14
CA LEU A 254 -19.35 -1.29 26.55
C LEU A 254 -20.19 -2.57 26.51
N ILE A 255 -19.57 -3.74 26.32
CA ILE A 255 -20.30 -5.00 26.32
C ILE A 255 -21.01 -5.27 27.66
N GLY A 256 -20.40 -4.86 28.77
CA GLY A 256 -20.96 -5.03 30.11
C GLY A 256 -22.16 -4.12 30.33
N LEU A 257 -22.09 -2.91 29.80
CA LEU A 257 -23.17 -1.94 29.85
C LEU A 257 -24.33 -2.46 28.98
N ALA A 258 -24.03 -3.05 27.82
CA ALA A 258 -25.02 -3.59 26.90
C ALA A 258 -25.74 -4.78 27.53
N LYS A 259 -25.01 -5.63 28.28
CA LYS A 259 -25.60 -6.79 28.93
C LYS A 259 -26.58 -6.34 30.01
N ARG A 260 -26.18 -5.34 30.82
CA ARG A 260 -26.96 -4.74 31.90
C ARG A 260 -28.24 -4.12 31.34
N PHE A 261 -28.12 -3.42 30.21
CA PHE A 261 -29.18 -2.73 29.49
C PHE A 261 -30.35 -3.64 29.07
N LYS A 262 -30.07 -4.93 28.83
CA LYS A 262 -31.08 -5.92 28.45
C LYS A 262 -31.95 -6.34 29.65
N GLU A 263 -31.42 -6.24 30.87
CA GLU A 263 -32.17 -6.60 32.06
C GLU A 263 -32.92 -5.36 32.59
N SER A 264 -32.17 -4.27 32.84
CA SER A 264 -32.74 -3.04 33.37
C SER A 264 -32.09 -1.79 32.76
N PRO A 265 -32.83 -0.68 32.64
CA PRO A 265 -32.25 0.52 32.02
C PRO A 265 -31.41 1.37 32.96
N PHE A 266 -30.70 2.35 32.40
CA PHE A 266 -29.89 3.29 33.16
C PHE A 266 -29.65 4.57 32.38
N GLU A 267 -29.38 5.65 33.09
CA GLU A 267 -29.10 6.94 32.48
C GLU A 267 -27.60 7.03 32.28
N LEU A 268 -27.17 7.37 31.07
CA LEU A 268 -25.77 7.63 30.75
C LEU A 268 -25.74 9.09 30.35
N GLU A 269 -25.17 9.95 31.18
CA GLU A 269 -25.08 11.37 30.86
C GLU A 269 -23.74 11.65 30.17
N ASP A 270 -23.79 11.92 28.87
CA ASP A 270 -22.63 12.26 28.07
C ASP A 270 -22.29 13.75 28.29
N PHE A 271 -21.60 14.07 29.40
CA PHE A 271 -21.30 15.46 29.75
C PHE A 271 -20.24 16.13 28.84
N ILE A 272 -19.45 15.35 28.07
CA ILE A 272 -18.54 15.91 27.07
C ILE A 272 -18.92 15.23 25.76
N PRO A 273 -19.97 15.71 25.03
CA PRO A 273 -20.41 15.01 23.81
C PRO A 273 -19.53 15.21 22.57
N MET A 274 -18.69 14.24 22.34
CA MET A 274 -17.71 14.23 21.27
C MET A 274 -17.26 12.78 21.01
N ASP A 275 -16.64 12.56 19.87
CA ASP A 275 -16.13 11.25 19.53
C ASP A 275 -14.78 11.05 20.26
N SER A 276 -14.62 9.97 21.03
CA SER A 276 -13.34 9.64 21.65
C SER A 276 -13.19 8.16 21.95
N THR A 277 -11.93 7.67 21.97
CA THR A 277 -11.58 6.28 22.24
C THR A 277 -12.18 5.84 23.56
N VAL A 278 -11.99 6.67 24.60
CA VAL A 278 -12.60 6.44 25.88
C VAL A 278 -13.71 7.49 26.09
N LYS A 279 -14.91 7.05 26.43
CA LYS A 279 -16.02 7.97 26.70
C LYS A 279 -16.29 8.07 28.21
N ASN A 280 -16.71 9.24 28.71
CA ASN A 280 -17.02 9.42 30.13
C ASN A 280 -18.50 9.70 30.31
N TYR A 281 -19.15 8.94 31.17
CA TYR A 281 -20.57 9.14 31.42
C TYR A 281 -20.89 9.26 32.87
N PHE A 282 -21.87 10.11 33.21
CA PHE A 282 -22.38 10.18 34.56
C PHE A 282 -23.49 9.15 34.52
N ILE A 283 -23.26 7.96 35.08
CA ILE A 283 -24.25 6.88 35.01
C ILE A 283 -25.11 6.75 36.27
N THR A 284 -26.43 6.53 36.11
CA THR A 284 -27.37 6.32 37.19
C THR A 284 -28.12 5.05 36.85
N ASP A 285 -27.93 3.99 37.64
CA ASP A 285 -28.63 2.73 37.41
C ASP A 285 -30.06 2.90 37.92
N ALA A 286 -31.06 2.77 37.03
CA ALA A 286 -32.47 2.98 37.39
C ALA A 286 -33.04 1.95 38.36
N GLN A 287 -32.56 0.71 38.30
CA GLN A 287 -33.05 -0.34 39.17
C GLN A 287 -32.62 -0.18 40.63
N THR A 288 -31.33 0.04 40.84
CA THR A 288 -30.76 0.09 42.17
C THR A 288 -30.53 1.50 42.73
N GLY A 289 -30.30 2.48 41.86
CA GLY A 289 -29.91 3.81 42.32
C GLY A 289 -28.41 3.91 42.52
N SER A 290 -27.64 2.93 42.04
CA SER A 290 -26.19 2.94 42.09
C SER A 290 -25.76 3.94 41.02
N SER A 291 -24.84 4.87 41.33
CA SER A 291 -24.42 5.85 40.34
C SER A 291 -22.90 6.19 40.41
N LYS A 292 -22.36 6.78 39.33
CA LYS A 292 -20.97 7.21 39.26
C LYS A 292 -20.91 8.45 38.37
N CYS A 293 -20.35 9.55 38.87
CA CYS A 293 -20.23 10.80 38.12
C CYS A 293 -19.38 10.65 36.90
N VAL A 294 -18.24 9.98 37.01
CA VAL A 294 -17.35 9.79 35.88
C VAL A 294 -17.09 8.31 35.69
N CYS A 295 -17.86 7.68 34.81
CA CYS A 295 -17.68 6.27 34.52
C CYS A 295 -17.08 6.17 33.12
N SER A 296 -15.76 5.92 33.05
CA SER A 296 -15.08 5.79 31.77
C SER A 296 -15.44 4.46 31.11
N VAL A 297 -15.84 4.52 29.85
CA VAL A 297 -16.29 3.36 29.10
C VAL A 297 -15.50 3.27 27.81
N ILE A 298 -14.99 2.09 27.52
CA ILE A 298 -14.27 1.81 26.28
C ILE A 298 -14.95 0.65 25.59
N ASP A 299 -15.06 0.71 24.25
CA ASP A 299 -15.65 -0.38 23.50
C ASP A 299 -14.56 -1.18 22.82
N LEU A 300 -13.96 -2.09 23.54
CA LEU A 300 -12.96 -2.99 22.98
C LEU A 300 -13.67 -4.31 22.74
N LEU A 301 -13.21 -5.10 21.78
CA LEU A 301 -13.73 -6.47 21.59
C LEU A 301 -13.34 -7.24 22.86
N LEU A 302 -14.26 -7.98 23.49
CA LEU A 302 -13.98 -8.62 24.78
C LEU A 302 -12.69 -9.46 24.78
N ASP A 303 -12.34 -10.05 23.62
CA ASP A 303 -11.13 -10.84 23.43
C ASP A 303 -9.89 -9.96 23.57
N ASP A 304 -9.96 -8.74 23.02
CA ASP A 304 -8.88 -7.77 23.08
C ASP A 304 -8.68 -7.25 24.48
N PHE A 305 -9.78 -7.05 25.25
CA PHE A 305 -9.72 -6.60 26.64
C PHE A 305 -9.14 -7.72 27.52
N VAL A 306 -9.57 -8.97 27.28
CA VAL A 306 -9.08 -10.15 27.99
C VAL A 306 -7.57 -10.31 27.73
N GLU A 307 -7.13 -10.14 26.48
CA GLU A 307 -5.71 -10.19 26.13
C GLU A 307 -4.89 -9.12 26.88
N ILE A 308 -5.40 -7.87 26.93
CA ILE A 308 -4.74 -6.78 27.64
C ILE A 308 -4.60 -7.08 29.13
N ILE A 309 -5.72 -7.45 29.80
CA ILE A 309 -5.71 -7.70 31.25
C ILE A 309 -4.86 -8.94 31.61
N LYS A 310 -4.88 -9.98 30.76
CA LYS A 310 -4.08 -11.17 30.98
C LYS A 310 -2.59 -11.01 30.66
N SER A 311 -2.20 -9.90 30.03
CA SER A 311 -0.80 -9.62 29.72
C SER A 311 -0.15 -8.68 30.75
N GLN A 312 -0.80 -8.45 31.91
CA GLN A 312 -0.28 -7.56 32.92
C GLN A 312 0.31 -8.27 34.11
N ASP A 313 1.31 -7.65 34.73
CA ASP A 313 1.94 -8.19 35.91
C ASP A 313 1.04 -7.84 37.09
N LEU A 314 0.57 -8.85 37.83
CA LEU A 314 -0.35 -8.61 38.94
C LEU A 314 0.33 -8.60 40.31
N SER A 315 1.63 -8.24 40.36
CA SER A 315 2.37 -8.25 41.62
C SER A 315 2.51 -6.89 42.33
N VAL A 316 1.99 -5.80 41.73
CA VAL A 316 2.10 -4.48 42.34
C VAL A 316 0.73 -3.93 42.75
N VAL A 317 0.66 -3.18 43.85
CA VAL A 317 -0.61 -2.62 44.33
C VAL A 317 -1.26 -1.62 43.34
N SER A 318 -0.49 -0.62 42.89
CA SER A 318 -1.01 0.41 42.00
C SER A 318 -0.01 0.63 40.86
N LYS A 319 -0.49 0.61 39.62
CA LYS A 319 0.40 0.75 38.47
C LYS A 319 -0.33 1.30 37.24
N VAL A 320 0.33 2.16 36.47
CA VAL A 320 -0.26 2.68 35.24
C VAL A 320 0.11 1.72 34.10
N VAL A 321 -0.89 1.33 33.30
CA VAL A 321 -0.70 0.42 32.18
C VAL A 321 -1.04 1.20 30.92
N LYS A 322 -0.06 1.43 30.04
CA LYS A 322 -0.29 2.21 28.82
C LYS A 322 -0.61 1.26 27.66
N VAL A 323 -1.81 1.35 27.07
CA VAL A 323 -2.20 0.47 25.96
C VAL A 323 -2.51 1.30 24.73
N THR A 324 -1.94 0.95 23.56
CA THR A 324 -2.24 1.69 22.33
C THR A 324 -3.58 1.24 21.72
N ILE A 325 -4.55 2.17 21.69
CA ILE A 325 -5.91 1.95 21.17
C ILE A 325 -6.25 3.13 20.26
N ASP A 326 -6.65 2.86 19.01
CA ASP A 326 -6.99 3.86 18.01
C ASP A 326 -5.84 4.82 17.73
N TYR A 327 -4.60 4.26 17.71
CA TYR A 327 -3.33 4.97 17.49
C TYR A 327 -2.89 5.85 18.68
N THR A 328 -3.72 5.95 19.74
CA THR A 328 -3.36 6.76 20.89
C THR A 328 -3.01 5.90 22.09
N GLU A 329 -2.19 6.43 23.01
CA GLU A 329 -1.84 5.69 24.22
C GLU A 329 -2.88 5.98 25.30
N ILE A 330 -3.63 4.95 25.67
CA ILE A 330 -4.64 5.06 26.70
C ILE A 330 -4.05 4.51 27.99
N SER A 331 -3.98 5.35 29.03
CA SER A 331 -3.48 4.91 30.34
C SER A 331 -4.62 4.27 31.09
N PHE A 332 -4.34 3.15 31.69
CA PHE A 332 -5.25 2.42 32.55
C PHE A 332 -4.65 2.41 33.94
N MET A 333 -5.48 2.26 34.94
CA MET A 333 -5.02 2.15 36.31
C MET A 333 -5.27 0.71 36.72
N LEU A 334 -4.21 -0.02 37.03
CA LEU A 334 -4.32 -1.43 37.43
C LEU A 334 -4.07 -1.55 38.92
N TRP A 335 -5.04 -2.07 39.65
CA TRP A 335 -4.95 -2.24 41.10
C TRP A 335 -5.00 -3.69 41.44
N CYS A 336 -3.98 -4.20 42.12
CA CYS A 336 -3.90 -5.62 42.48
C CYS A 336 -3.76 -5.82 43.99
N LYS A 337 -4.00 -7.05 44.44
CA LYS A 337 -3.87 -7.49 45.84
C LYS A 337 -3.67 -9.00 45.80
N ASP A 338 -2.62 -9.52 46.46
CA ASP A 338 -2.31 -10.96 46.55
C ASP A 338 -2.28 -11.69 45.19
N GLY A 339 -1.82 -10.99 44.15
CA GLY A 339 -1.71 -11.56 42.81
C GLY A 339 -2.97 -11.61 41.99
N HIS A 340 -4.03 -10.95 42.48
CA HIS A 340 -5.29 -10.90 41.76
C HIS A 340 -5.67 -9.46 41.46
N VAL A 341 -6.40 -9.24 40.35
CA VAL A 341 -6.88 -7.91 39.99
C VAL A 341 -7.98 -7.48 40.95
N GLU A 342 -7.95 -6.23 41.37
CA GLU A 342 -8.98 -5.62 42.19
C GLU A 342 -9.84 -4.74 41.25
N THR A 343 -9.16 -3.87 40.48
CA THR A 343 -9.78 -3.05 39.44
C THR A 343 -8.77 -2.71 38.34
N PHE A 344 -9.29 -2.38 37.15
CA PHE A 344 -8.54 -2.01 35.95
C PHE A 344 -9.49 -1.08 35.20
N TYR A 345 -9.11 0.20 35.06
CA TYR A 345 -9.98 1.17 34.44
C TYR A 345 -9.23 2.19 33.64
N PRO A 346 -9.83 2.71 32.55
CA PRO A 346 -9.17 3.78 31.80
C PRO A 346 -8.96 5.01 32.69
N LYS A 347 -7.69 5.26 33.11
CA LYS A 347 -7.22 6.31 34.02
C LYS A 347 -7.72 7.73 33.69
N LEU A 348 -8.54 8.28 34.61
CA LEU A 348 -9.14 9.61 34.51
C LEU A 348 -8.10 10.76 34.62
N GLN A 349 -8.49 11.99 34.19
CA GLN A 349 -7.72 13.25 34.10
C GLN A 349 -6.34 13.07 33.40
N ALA B 2 4.57 -28.94 -40.75
CA ALA B 2 5.64 -29.58 -41.51
C ALA B 2 7.00 -29.29 -40.90
N MET B 3 7.04 -29.34 -39.56
CA MET B 3 8.21 -29.04 -38.75
C MET B 3 9.33 -30.09 -38.75
N SER B 4 10.56 -29.63 -39.01
CA SER B 4 11.74 -30.47 -39.04
C SER B 4 12.96 -29.72 -38.59
N LEU B 5 14.00 -30.45 -38.18
CA LEU B 5 15.26 -29.87 -37.77
C LEU B 5 15.89 -29.16 -38.98
N GLU B 6 15.85 -29.80 -40.16
CA GLU B 6 16.41 -29.29 -41.41
C GLU B 6 15.68 -28.05 -41.93
N ASN B 7 14.37 -27.95 -41.67
CA ASN B 7 13.59 -26.77 -42.03
C ASN B 7 13.86 -25.63 -41.05
N VAL B 8 13.97 -25.90 -39.74
CA VAL B 8 14.28 -24.87 -38.74
C VAL B 8 15.64 -24.25 -39.09
N ALA B 9 16.64 -25.10 -39.43
CA ALA B 9 18.00 -24.73 -39.84
C ALA B 9 18.02 -23.95 -41.16
N PHE B 10 17.16 -24.31 -42.13
CA PHE B 10 17.04 -23.58 -43.39
C PHE B 10 16.54 -22.15 -43.10
N ASN B 11 15.55 -22.03 -42.22
CA ASN B 11 15.00 -20.74 -41.84
C ASN B 11 16.05 -19.91 -41.13
N VAL B 12 16.83 -20.50 -40.21
CA VAL B 12 17.89 -19.77 -39.52
C VAL B 12 18.91 -19.21 -40.51
N VAL B 13 19.43 -20.08 -41.39
CA VAL B 13 20.42 -19.74 -42.41
C VAL B 13 19.93 -18.65 -43.38
N ASN B 14 18.69 -18.75 -43.86
CA ASN B 14 18.19 -17.85 -44.88
C ASN B 14 17.39 -16.65 -44.41
N LYS B 15 16.75 -16.74 -43.25
CA LYS B 15 15.90 -15.69 -42.71
C LYS B 15 16.40 -15.06 -41.42
N GLY B 16 17.49 -15.57 -40.87
CA GLY B 16 18.04 -15.05 -39.62
C GLY B 16 17.36 -15.59 -38.37
N HIS B 17 16.27 -16.34 -38.53
CA HIS B 17 15.43 -16.90 -37.48
C HIS B 17 14.31 -17.75 -38.15
N PHE B 18 13.44 -18.40 -37.36
CA PHE B 18 12.34 -19.17 -37.93
C PHE B 18 11.29 -18.21 -38.49
N ASP B 19 10.97 -18.34 -39.78
CA ASP B 19 10.03 -17.48 -40.49
C ASP B 19 8.94 -18.27 -41.28
N GLY B 20 8.79 -19.55 -40.99
CA GLY B 20 7.80 -20.41 -41.64
C GLY B 20 8.04 -20.68 -43.11
N GLN B 21 9.26 -20.42 -43.60
CA GLN B 21 9.64 -20.61 -44.98
C GLN B 21 9.89 -22.05 -45.29
N GLN B 22 9.61 -22.50 -46.51
CA GLN B 22 9.85 -23.89 -46.89
C GLN B 22 11.29 -24.08 -47.33
N GLY B 23 11.83 -25.25 -47.04
CA GLY B 23 13.19 -25.57 -47.44
C GLY B 23 13.95 -26.33 -46.37
N GLU B 24 15.03 -27.00 -46.77
CA GLU B 24 15.84 -27.78 -45.86
C GLU B 24 17.31 -27.57 -46.17
N VAL B 25 18.15 -27.55 -45.14
CA VAL B 25 19.61 -27.52 -45.25
C VAL B 25 20.15 -28.74 -44.51
N PRO B 26 21.26 -29.34 -44.96
CA PRO B 26 21.82 -30.50 -44.25
C PRO B 26 22.34 -30.10 -42.88
N VAL B 27 21.96 -30.86 -41.86
CA VAL B 27 22.31 -30.54 -40.47
C VAL B 27 23.07 -31.68 -39.84
N SER B 28 24.02 -31.35 -38.97
CA SER B 28 24.70 -32.35 -38.15
C SER B 28 24.69 -31.88 -36.68
N ILE B 29 24.45 -32.81 -35.77
CA ILE B 29 24.40 -32.53 -34.35
C ILE B 29 25.55 -33.22 -33.65
N ILE B 30 26.45 -32.43 -33.05
CA ILE B 30 27.60 -32.99 -32.34
C ILE B 30 27.69 -32.27 -31.03
N ASN B 31 27.90 -32.97 -29.90
N ASN B 31 27.31 -33.13 -30.07
CA ASN B 31 28.08 -32.35 -28.55
CA ASN B 31 27.10 -32.97 -28.66
C ASN B 31 27.56 -30.88 -28.32
C ASN B 31 25.94 -32.00 -28.45
N ASN B 32 26.24 -30.78 -28.13
CA ASN B 32 25.36 -29.63 -27.88
C ASN B 32 25.43 -28.55 -28.92
N THR B 33 25.92 -28.87 -30.12
CA THR B 33 26.05 -27.89 -31.18
C THR B 33 25.33 -28.37 -32.43
N VAL B 34 24.67 -27.43 -33.11
CA VAL B 34 24.00 -27.67 -34.37
C VAL B 34 24.88 -27.04 -35.45
N TYR B 35 25.28 -27.84 -36.45
CA TYR B 35 26.08 -27.37 -37.57
C TYR B 35 25.27 -27.51 -38.86
N THR B 36 25.69 -26.80 -39.90
CA THR B 36 25.13 -26.93 -41.24
C THR B 36 26.28 -26.99 -42.25
N LYS B 37 26.14 -27.78 -43.31
CA LYS B 37 27.16 -27.88 -44.34
C LYS B 37 27.00 -26.69 -45.28
N VAL B 38 28.05 -25.87 -45.43
CA VAL B 38 28.08 -24.74 -46.35
C VAL B 38 29.33 -24.94 -47.20
N ASP B 39 29.15 -25.40 -48.46
CA ASP B 39 30.25 -25.66 -49.39
C ASP B 39 31.25 -26.70 -48.89
N GLY B 40 30.72 -27.82 -48.43
CA GLY B 40 31.55 -28.92 -47.97
C GLY B 40 32.11 -28.84 -46.57
N VAL B 41 31.92 -27.70 -45.86
CA VAL B 41 32.40 -27.58 -44.48
C VAL B 41 31.30 -27.21 -43.51
N ASP B 42 31.42 -27.69 -42.27
CA ASP B 42 30.43 -27.43 -41.21
C ASP B 42 30.57 -26.07 -40.61
N VAL B 43 29.46 -25.35 -40.52
CA VAL B 43 29.40 -24.03 -39.96
C VAL B 43 28.46 -24.11 -38.76
N GLU B 44 28.91 -23.65 -37.60
CA GLU B 44 28.11 -23.68 -36.38
C GLU B 44 26.92 -22.70 -36.44
N LEU B 45 25.72 -23.21 -36.15
CA LEU B 45 24.49 -22.44 -36.13
C LEU B 45 24.01 -22.15 -34.72
N PHE B 46 24.27 -23.07 -33.78
CA PHE B 46 23.75 -22.92 -32.43
C PHE B 46 24.49 -23.78 -31.42
N GLU B 47 24.89 -23.18 -30.30
CA GLU B 47 25.45 -23.89 -29.19
C GLU B 47 24.40 -23.88 -28.08
N ASN B 48 23.94 -25.06 -27.70
CA ASN B 48 22.98 -25.23 -26.64
C ASN B 48 23.57 -24.95 -25.26
N LYS B 49 23.09 -23.87 -24.62
CA LYS B 49 23.45 -23.50 -23.25
C LYS B 49 22.30 -23.83 -22.25
N THR B 50 21.22 -24.45 -22.72
CA THR B 50 20.02 -24.83 -22.00
C THR B 50 20.14 -26.27 -21.43
N THR B 51 19.15 -26.66 -20.61
CA THR B 51 19.03 -28.01 -20.07
C THR B 51 18.07 -28.87 -20.93
N LEU B 52 17.63 -28.35 -22.10
CA LEU B 52 16.75 -29.05 -23.02
C LEU B 52 17.64 -29.77 -24.04
N PRO B 53 17.12 -30.79 -24.74
CA PRO B 53 17.90 -31.41 -25.83
C PRO B 53 18.29 -30.37 -26.89
N VAL B 54 19.52 -30.47 -27.43
CA VAL B 54 20.13 -29.55 -28.39
C VAL B 54 19.20 -29.15 -29.54
N ASN B 55 18.50 -30.11 -30.16
CA ASN B 55 17.62 -29.83 -31.29
C ASN B 55 16.34 -29.12 -30.91
N VAL B 56 15.84 -29.39 -29.68
CA VAL B 56 14.66 -28.76 -29.12
C VAL B 56 15.02 -27.31 -28.76
N ALA B 57 16.16 -27.08 -28.09
CA ALA B 57 16.57 -25.73 -27.73
C ALA B 57 16.84 -24.87 -28.96
N PHE B 58 17.38 -25.49 -30.04
CA PHE B 58 17.66 -24.84 -31.32
C PHE B 58 16.37 -24.32 -31.94
N GLU B 59 15.32 -25.15 -31.93
CA GLU B 59 14.03 -24.77 -32.48
C GLU B 59 13.36 -23.68 -31.68
N LEU B 60 13.46 -23.72 -30.35
CA LEU B 60 12.86 -22.69 -29.52
C LEU B 60 13.59 -21.35 -29.66
N TRP B 61 14.89 -21.39 -29.86
CA TRP B 61 15.69 -20.18 -30.07
C TRP B 61 15.35 -19.61 -31.46
N ALA B 62 15.26 -20.46 -32.50
CA ALA B 62 14.85 -20.02 -33.83
C ALA B 62 13.45 -19.39 -33.79
N LYS B 63 12.55 -19.98 -32.99
CA LYS B 63 11.18 -19.52 -32.86
C LYS B 63 10.96 -18.44 -31.79
N ARG B 64 12.04 -17.80 -31.33
CA ARG B 64 11.99 -16.74 -30.34
C ARG B 64 11.25 -15.52 -30.87
N ASN B 65 10.69 -14.73 -29.95
CA ASN B 65 10.00 -13.50 -30.27
C ASN B 65 11.05 -12.42 -30.62
N ILE B 66 10.99 -11.92 -31.84
CA ILE B 66 11.92 -10.89 -32.32
C ILE B 66 11.29 -9.47 -32.30
N LYS B 67 10.17 -9.30 -31.57
CA LYS B 67 9.56 -7.99 -31.37
C LYS B 67 9.99 -7.53 -29.99
N PRO B 68 9.99 -6.21 -29.66
CA PRO B 68 10.33 -5.80 -28.28
C PRO B 68 9.36 -6.46 -27.29
N VAL B 69 9.87 -7.27 -26.36
CA VAL B 69 9.00 -7.96 -25.39
C VAL B 69 9.32 -7.52 -23.97
N PRO B 70 8.40 -7.72 -23.00
CA PRO B 70 8.73 -7.38 -21.60
C PRO B 70 10.00 -8.11 -21.14
N GLU B 71 10.84 -7.46 -20.31
CA GLU B 71 12.03 -8.10 -19.77
C GLU B 71 11.61 -9.26 -18.87
N VAL B 72 12.36 -10.38 -18.91
CA VAL B 72 12.04 -11.61 -18.18
C VAL B 72 11.78 -11.35 -16.67
N LYS B 73 12.52 -10.41 -16.04
CA LYS B 73 12.29 -10.05 -14.64
C LYS B 73 10.86 -9.53 -14.38
N ILE B 74 10.25 -8.79 -15.33
CA ILE B 74 8.87 -8.30 -15.23
C ILE B 74 7.88 -9.47 -15.33
N LEU B 75 8.08 -10.35 -16.30
CA LEU B 75 7.24 -11.52 -16.54
C LEU B 75 7.24 -12.44 -15.34
N ASN B 76 8.39 -12.62 -14.71
CA ASN B 76 8.55 -13.47 -13.52
C ASN B 76 7.86 -12.83 -12.33
N ASN B 77 8.01 -11.52 -12.17
CA ASN B 77 7.39 -10.79 -11.07
C ASN B 77 5.86 -10.79 -11.16
N LEU B 78 5.32 -10.82 -12.39
CA LEU B 78 3.90 -10.91 -12.66
C LEU B 78 3.37 -12.33 -12.69
N GLY B 79 4.20 -13.31 -12.39
CA GLY B 79 3.80 -14.71 -12.32
C GLY B 79 3.52 -15.42 -13.63
N VAL B 80 4.11 -14.97 -14.77
CA VAL B 80 3.92 -15.61 -16.07
C VAL B 80 4.59 -17.00 -16.07
N ASP B 81 3.83 -18.03 -16.46
CA ASP B 81 4.27 -19.42 -16.52
C ASP B 81 4.62 -19.88 -17.93
N ILE B 82 3.90 -19.36 -18.92
CA ILE B 82 4.03 -19.77 -20.30
C ILE B 82 3.57 -18.62 -21.20
N ALA B 83 4.04 -18.59 -22.44
CA ALA B 83 3.60 -17.57 -23.39
C ALA B 83 2.65 -18.17 -24.42
N ALA B 84 1.70 -17.36 -24.95
CA ALA B 84 0.77 -17.85 -25.96
C ALA B 84 1.34 -17.73 -27.36
N ASN B 85 1.65 -18.88 -27.98
CA ASN B 85 2.09 -19.02 -29.37
C ASN B 85 3.33 -18.23 -29.74
N THR B 86 4.26 -18.13 -28.80
CA THR B 86 5.56 -17.48 -28.96
C THR B 86 6.55 -18.07 -27.93
N VAL B 87 7.85 -17.74 -28.08
CA VAL B 87 8.89 -18.13 -27.15
C VAL B 87 9.54 -16.84 -26.68
N ILE B 88 9.50 -16.58 -25.37
CA ILE B 88 10.22 -15.45 -24.80
C ILE B 88 11.59 -16.03 -24.49
N TRP B 89 12.62 -15.57 -25.22
CA TRP B 89 13.96 -16.07 -25.02
C TRP B 89 14.66 -15.27 -23.93
N ASP B 90 15.20 -15.97 -22.96
CA ASP B 90 15.92 -15.38 -21.86
C ASP B 90 17.38 -15.28 -22.29
N TYR B 91 17.83 -14.09 -22.69
CA TYR B 91 19.19 -13.84 -23.14
C TYR B 91 20.22 -13.78 -22.00
N LYS B 92 19.76 -13.63 -20.76
CA LYS B 92 20.62 -13.65 -19.58
C LYS B 92 20.98 -15.10 -19.25
N ARG B 93 20.05 -16.03 -19.46
CA ARG B 93 20.27 -17.45 -19.22
C ARG B 93 20.60 -18.23 -20.48
N ASP B 94 20.49 -17.61 -21.68
CA ASP B 94 20.66 -18.26 -22.99
C ASP B 94 19.75 -19.47 -23.08
N ALA B 95 18.49 -19.31 -22.68
CA ALA B 95 17.53 -20.40 -22.63
C ALA B 95 16.14 -19.85 -22.75
N PRO B 96 15.13 -20.70 -23.07
CA PRO B 96 13.74 -20.22 -23.08
C PRO B 96 13.36 -19.73 -21.67
N ALA B 97 12.58 -18.64 -21.57
CA ALA B 97 12.17 -18.10 -20.26
C ALA B 97 11.18 -19.01 -19.52
N HIS B 98 10.47 -19.87 -20.27
CA HIS B 98 9.42 -20.76 -19.77
C HIS B 98 9.68 -22.20 -20.19
N ILE B 99 9.36 -23.16 -19.31
CA ILE B 99 9.56 -24.60 -19.51
C ILE B 99 8.87 -25.13 -20.78
N SER B 100 7.56 -24.84 -20.91
CA SER B 100 6.69 -25.32 -21.95
C SER B 100 6.24 -24.21 -22.88
N THR B 101 5.68 -24.62 -24.02
CA THR B 101 5.18 -23.70 -25.03
C THR B 101 3.68 -24.01 -25.34
N ILE B 102 3.03 -23.11 -26.09
CA ILE B 102 1.66 -23.29 -26.56
C ILE B 102 1.74 -22.98 -28.04
N GLY B 103 1.53 -23.96 -28.90
CA GLY B 103 1.59 -23.79 -30.35
C GLY B 103 2.93 -23.36 -30.94
N VAL B 104 4.05 -23.82 -30.36
CA VAL B 104 5.38 -23.45 -30.84
C VAL B 104 6.23 -24.64 -31.34
N CYS B 105 6.45 -25.64 -30.49
CA CYS B 105 7.35 -26.75 -30.77
C CYS B 105 6.68 -28.01 -30.26
N SER B 106 6.62 -29.07 -31.07
CA SER B 106 5.97 -30.32 -30.70
C SER B 106 6.52 -30.98 -29.46
N MET B 107 7.83 -30.83 -29.19
CA MET B 107 8.47 -31.41 -28.01
C MET B 107 8.10 -30.70 -26.70
N THR B 108 8.02 -29.36 -26.71
CA THR B 108 7.75 -28.59 -25.50
C THR B 108 6.28 -28.18 -25.30
N ASP B 109 5.46 -28.31 -26.35
CA ASP B 109 4.05 -27.92 -26.32
C ASP B 109 3.20 -28.66 -25.35
N ILE B 110 2.48 -27.93 -24.49
CA ILE B 110 1.48 -28.56 -23.61
C ILE B 110 0.07 -28.49 -24.23
N ALA B 111 -0.10 -27.63 -25.26
CA ALA B 111 -1.32 -27.31 -25.98
C ALA B 111 -0.94 -26.62 -27.31
N LYS B 112 -1.88 -26.53 -28.27
CA LYS B 112 -1.70 -25.80 -29.52
C LYS B 112 -2.30 -24.38 -29.40
N LYS B 113 -3.39 -24.24 -28.62
CA LYS B 113 -4.10 -22.99 -28.38
C LYS B 113 -4.20 -22.73 -26.87
N PRO B 114 -4.04 -21.47 -26.42
CA PRO B 114 -4.14 -21.19 -24.96
C PRO B 114 -5.53 -21.40 -24.35
N THR B 115 -6.52 -21.78 -25.18
CA THR B 115 -7.88 -22.09 -24.76
C THR B 115 -8.02 -23.52 -24.24
N GLU B 116 -6.99 -24.38 -24.40
CA GLU B 116 -7.01 -25.76 -23.92
C GLU B 116 -7.05 -25.79 -22.39
N THR B 117 -7.81 -26.73 -21.80
CA THR B 117 -8.03 -26.75 -20.37
C THR B 117 -6.73 -26.90 -19.56
N ILE B 118 -5.63 -27.37 -20.18
CA ILE B 118 -4.35 -27.46 -19.48
C ILE B 118 -3.76 -26.06 -19.17
N CYS B 119 -4.10 -25.05 -19.97
CA CYS B 119 -3.60 -23.69 -19.82
C CYS B 119 -4.39 -22.87 -18.80
N ALA B 120 -5.64 -23.27 -18.51
CA ALA B 120 -6.51 -22.56 -17.58
C ALA B 120 -5.84 -22.22 -16.23
N PRO B 121 -5.18 -23.17 -15.52
CA PRO B 121 -4.51 -22.79 -14.27
C PRO B 121 -3.16 -22.06 -14.40
N LEU B 122 -2.60 -21.93 -15.62
CA LEU B 122 -1.32 -21.27 -15.84
C LEU B 122 -1.49 -19.81 -16.21
N THR B 123 -0.59 -18.94 -15.76
CA THR B 123 -0.64 -17.53 -16.15
C THR B 123 0.01 -17.41 -17.53
N VAL B 124 -0.84 -17.37 -18.57
CA VAL B 124 -0.43 -17.30 -19.95
C VAL B 124 -0.15 -15.85 -20.31
N PHE B 125 0.97 -15.60 -21.01
CA PHE B 125 1.31 -14.26 -21.47
C PHE B 125 0.66 -14.07 -22.83
N PHE B 126 -0.07 -12.96 -22.99
CA PHE B 126 -0.75 -12.57 -24.21
C PHE B 126 -0.17 -11.25 -24.69
N ASP B 127 -0.01 -11.15 -26.00
CA ASP B 127 0.54 -9.98 -26.69
C ASP B 127 -0.59 -9.34 -27.53
N GLY B 128 -1.11 -8.23 -27.06
CA GLY B 128 -2.16 -7.47 -27.73
C GLY B 128 -1.80 -7.00 -29.12
N ARG B 129 -0.51 -7.00 -29.48
CA ARG B 129 -0.03 -6.64 -30.81
C ARG B 129 -0.30 -7.74 -31.87
N VAL B 130 -0.62 -8.97 -31.43
CA VAL B 130 -0.95 -10.11 -32.28
C VAL B 130 -2.47 -10.22 -32.29
N ASP B 131 -3.06 -10.41 -33.48
CA ASP B 131 -4.50 -10.52 -33.63
C ASP B 131 -5.13 -11.60 -32.75
N GLY B 132 -6.21 -11.21 -32.09
CA GLY B 132 -7.00 -12.10 -31.25
C GLY B 132 -6.49 -12.41 -29.86
N GLN B 133 -5.30 -11.90 -29.49
CA GLN B 133 -4.72 -12.20 -28.18
C GLN B 133 -5.38 -11.42 -27.04
N VAL B 134 -5.85 -10.20 -27.31
CA VAL B 134 -6.58 -9.43 -26.29
C VAL B 134 -7.91 -10.16 -25.97
N ASP B 135 -8.56 -10.78 -26.98
CA ASP B 135 -9.76 -11.57 -26.78
C ASP B 135 -9.45 -12.90 -26.08
N LEU B 136 -8.29 -13.49 -26.35
CA LEU B 136 -7.84 -14.73 -25.70
C LEU B 136 -7.57 -14.50 -24.19
N PHE B 137 -7.02 -13.32 -23.84
CA PHE B 137 -6.80 -12.91 -22.45
C PHE B 137 -8.17 -12.76 -21.76
N ARG B 138 -9.14 -12.13 -22.46
CA ARG B 138 -10.50 -11.91 -21.97
C ARG B 138 -11.17 -13.23 -21.63
N ASN B 139 -10.91 -14.27 -22.41
CA ASN B 139 -11.51 -15.58 -22.18
C ASN B 139 -10.72 -16.45 -21.21
N ALA B 140 -9.40 -16.21 -21.06
CA ALA B 140 -8.52 -17.00 -20.17
C ALA B 140 -8.75 -16.72 -18.68
N ARG B 141 -8.57 -17.78 -17.87
CA ARG B 141 -8.75 -17.72 -16.43
C ARG B 141 -7.56 -16.97 -15.79
N ASN B 142 -6.32 -17.35 -16.16
CA ASN B 142 -5.10 -16.69 -15.67
C ASN B 142 -4.27 -16.21 -16.83
N GLY B 143 -3.72 -15.01 -16.68
CA GLY B 143 -2.92 -14.44 -17.74
C GLY B 143 -2.42 -13.03 -17.49
N VAL B 144 -1.44 -12.63 -18.29
CA VAL B 144 -0.85 -11.29 -18.30
C VAL B 144 -0.94 -10.80 -19.73
N LEU B 145 -1.45 -9.59 -19.94
CA LEU B 145 -1.61 -9.04 -21.25
C LEU B 145 -0.80 -7.77 -21.42
N ILE B 146 -0.12 -7.64 -22.55
CA ILE B 146 0.56 -6.39 -22.89
C ILE B 146 -0.09 -5.80 -24.12
N THR B 147 -0.29 -4.49 -24.10
CA THR B 147 -0.86 -3.79 -25.25
C THR B 147 -0.09 -2.48 -25.49
N GLU B 148 -0.18 -1.95 -26.70
CA GLU B 148 0.44 -0.67 -27.02
C GLU B 148 -0.52 0.49 -26.69
N GLY B 149 -1.83 0.24 -26.80
CA GLY B 149 -2.84 1.24 -26.53
C GLY B 149 -3.90 0.79 -25.54
N SER B 150 -5.07 1.44 -25.59
CA SER B 150 -6.14 1.13 -24.66
C SER B 150 -6.97 -0.10 -25.02
N VAL B 151 -7.41 -0.82 -23.99
CA VAL B 151 -8.27 -1.99 -24.10
C VAL B 151 -9.62 -1.61 -23.53
N LYS B 152 -10.70 -1.84 -24.30
CA LYS B 152 -12.05 -1.48 -23.88
C LYS B 152 -12.46 -2.14 -22.57
N GLY B 153 -12.83 -1.31 -21.60
CA GLY B 153 -13.30 -1.77 -20.30
C GLY B 153 -12.24 -2.14 -19.29
N LEU B 154 -10.99 -2.37 -19.74
CA LEU B 154 -9.90 -2.74 -18.85
C LEU B 154 -9.06 -1.54 -18.46
N GLN B 155 -8.80 -1.40 -17.15
CA GLN B 155 -7.98 -0.30 -16.63
C GLN B 155 -6.50 -0.71 -16.72
N PRO B 156 -5.66 0.10 -17.37
CA PRO B 156 -4.27 -0.30 -17.60
C PRO B 156 -3.28 -0.02 -16.50
N SER B 157 -2.15 -0.68 -16.56
CA SER B 157 -1.02 -0.41 -15.68
C SER B 157 0.09 0.00 -16.65
N VAL B 158 0.60 1.24 -16.56
CA VAL B 158 1.68 1.67 -17.45
C VAL B 158 2.96 0.97 -17.00
N GLY B 159 3.53 0.15 -17.87
CA GLY B 159 4.74 -0.60 -17.57
C GLY B 159 5.99 0.24 -17.73
N PRO B 160 7.15 -0.42 -17.68
CA PRO B 160 8.41 0.34 -17.87
C PRO B 160 8.57 0.86 -19.29
N LYS B 161 9.36 1.95 -19.44
CA LYS B 161 9.64 2.56 -20.75
C LYS B 161 10.38 1.60 -21.68
N GLN B 162 11.24 0.75 -21.08
CA GLN B 162 12.09 -0.19 -21.79
C GLN B 162 11.51 -1.61 -21.94
N ALA B 163 11.90 -2.25 -23.03
CA ALA B 163 11.56 -3.63 -23.33
C ALA B 163 12.84 -4.30 -23.92
N SER B 164 12.83 -5.61 -24.11
CA SER B 164 13.95 -6.33 -24.68
C SER B 164 13.69 -6.66 -26.18
N LEU B 165 14.53 -6.15 -27.10
CA LEU B 165 14.42 -6.48 -28.52
C LEU B 165 15.65 -7.31 -28.88
N ASN B 166 15.50 -8.64 -29.02
CA ASN B 166 16.59 -9.54 -29.35
C ASN B 166 17.75 -9.49 -28.37
N GLY B 167 17.40 -9.35 -27.09
CA GLY B 167 18.37 -9.31 -26.02
C GLY B 167 18.93 -7.94 -25.73
N VAL B 168 18.53 -6.93 -26.50
CA VAL B 168 18.97 -5.57 -26.27
C VAL B 168 17.86 -4.87 -25.53
N THR B 169 18.12 -4.45 -24.29
CA THR B 169 17.13 -3.71 -23.53
C THR B 169 17.25 -2.26 -23.98
N LEU B 170 16.13 -1.69 -24.41
CA LEU B 170 16.12 -0.33 -24.92
C LEU B 170 14.77 0.33 -24.74
N ILE B 171 14.78 1.67 -24.77
CA ILE B 171 13.59 2.50 -24.76
C ILE B 171 13.47 2.86 -26.24
N GLY B 172 12.48 2.26 -26.88
CA GLY B 172 12.24 2.36 -28.30
C GLY B 172 11.90 3.73 -28.83
N GLU B 173 12.49 4.05 -29.98
CA GLU B 173 12.25 5.29 -30.71
C GLU B 173 11.60 4.96 -32.05
N ALA B 174 12.05 3.90 -32.72
CA ALA B 174 11.46 3.43 -33.98
C ALA B 174 10.35 2.37 -33.74
N VAL B 175 10.29 1.79 -32.53
CA VAL B 175 9.35 0.78 -32.05
C VAL B 175 8.80 1.20 -30.71
N LYS B 176 7.62 0.70 -30.36
CA LYS B 176 7.04 0.98 -29.05
C LYS B 176 7.56 -0.07 -28.07
N THR B 177 8.11 0.37 -26.92
CA THR B 177 8.60 -0.53 -25.89
C THR B 177 7.83 -0.36 -24.56
N GLN B 178 7.02 0.72 -24.39
CA GLN B 178 6.23 0.91 -23.17
C GLN B 178 4.86 0.31 -23.37
N PHE B 179 4.53 -0.72 -22.57
CA PHE B 179 3.28 -1.43 -22.71
C PHE B 179 2.33 -1.17 -21.57
N ASN B 180 1.05 -1.44 -21.81
CA ASN B 180 0.03 -1.41 -20.80
C ASN B 180 -0.03 -2.84 -20.31
N TYR B 181 -0.11 -3.01 -19.00
CA TYR B 181 -0.14 -4.33 -18.40
C TYR B 181 -1.47 -4.63 -17.80
N TYR B 182 -1.92 -5.85 -17.99
CA TYR B 182 -3.17 -6.34 -17.47
C TYR B 182 -2.91 -7.74 -16.90
N LYS B 183 -3.60 -8.09 -15.83
CA LYS B 183 -3.40 -9.39 -15.19
C LYS B 183 -4.74 -9.91 -14.74
N LYS B 184 -4.95 -11.22 -14.86
CA LYS B 184 -6.17 -11.88 -14.44
C LYS B 184 -5.75 -13.07 -13.61
N VAL B 185 -6.40 -13.23 -12.47
CA VAL B 185 -6.20 -14.36 -11.57
C VAL B 185 -7.60 -14.93 -11.35
N ASP B 186 -7.77 -16.24 -11.65
CA ASP B 186 -9.03 -16.98 -11.53
C ASP B 186 -10.25 -16.29 -12.14
N GLY B 187 -10.05 -15.69 -13.31
CA GLY B 187 -11.09 -15.02 -14.08
C GLY B 187 -11.29 -13.55 -13.72
N VAL B 188 -10.63 -13.09 -12.65
CA VAL B 188 -10.79 -11.72 -12.17
C VAL B 188 -9.63 -10.84 -12.57
N VAL B 189 -9.91 -9.74 -13.29
CA VAL B 189 -8.89 -8.77 -13.67
C VAL B 189 -8.38 -8.11 -12.40
N GLN B 190 -7.08 -8.15 -12.22
CA GLN B 190 -6.42 -7.64 -11.04
C GLN B 190 -6.13 -6.17 -11.13
N GLN B 191 -6.10 -5.54 -9.97
CA GLN B 191 -5.72 -4.15 -9.85
C GLN B 191 -4.22 -4.25 -9.60
N LEU B 192 -3.40 -4.01 -10.65
CA LEU B 192 -1.94 -4.11 -10.48
C LEU B 192 -1.46 -3.01 -9.55
N PRO B 193 -0.49 -3.33 -8.68
CA PRO B 193 -0.06 -2.34 -7.70
C PRO B 193 0.74 -1.18 -8.30
N GLU B 194 0.78 -0.07 -7.56
CA GLU B 194 1.62 1.10 -7.80
C GLU B 194 3.07 0.58 -7.68
N THR B 195 3.93 0.91 -8.64
CA THR B 195 5.26 0.35 -8.67
C THR B 195 6.32 1.27 -9.18
N TYR B 196 7.53 1.06 -8.70
CA TYR B 196 8.69 1.71 -9.28
C TYR B 196 9.19 0.69 -10.30
N PHE B 197 10.03 1.13 -11.22
CA PHE B 197 10.66 0.24 -12.17
C PHE B 197 12.15 0.35 -12.10
N THR B 198 12.85 -0.78 -12.25
CA THR B 198 14.30 -0.75 -12.38
C THR B 198 14.61 -0.24 -13.81
N GLN B 199 15.73 0.47 -13.97
CA GLN B 199 16.08 1.12 -15.21
C GLN B 199 16.79 0.23 -16.24
N SER B 200 17.25 -0.98 -15.82
CA SER B 200 17.90 -1.97 -16.69
C SER B 200 19.13 -1.47 -17.45
N ARG B 201 19.96 -0.65 -16.80
CA ARG B 201 21.18 -0.13 -17.39
C ARG B 201 22.39 -1.04 -17.17
N ASN B 202 23.44 -0.87 -17.99
CA ASN B 202 24.72 -1.59 -17.89
C ASN B 202 25.69 -0.71 -17.14
N LEU B 203 26.70 -1.33 -16.55
CA LEU B 203 27.76 -0.59 -15.87
C LEU B 203 28.66 0.11 -16.93
N GLN B 204 28.94 -0.59 -18.04
CA GLN B 204 29.79 -0.11 -19.13
C GLN B 204 29.15 1.07 -19.86
N GLU B 205 27.91 0.92 -20.31
CA GLU B 205 27.24 1.99 -21.05
C GLU B 205 26.17 2.70 -20.24
N PHE B 206 26.49 3.09 -19.00
CA PHE B 206 25.53 3.75 -18.13
C PHE B 206 25.26 5.20 -18.56
N LYS B 207 23.99 5.55 -18.71
CA LYS B 207 23.60 6.91 -19.07
C LYS B 207 22.61 7.48 -18.07
N PRO B 208 22.85 8.71 -17.57
CA PRO B 208 21.91 9.31 -16.62
C PRO B 208 20.54 9.66 -17.24
N ARG B 209 19.47 9.43 -16.47
CA ARG B 209 18.12 9.67 -16.98
C ARG B 209 17.37 10.77 -16.20
N SER B 210 18.12 11.66 -15.52
CA SER B 210 17.55 12.78 -14.77
C SER B 210 18.65 13.80 -14.43
N GLN B 211 18.26 15.03 -14.05
CA GLN B 211 19.24 16.04 -13.65
C GLN B 211 19.98 15.60 -12.37
N MET B 212 19.30 14.85 -11.48
CA MET B 212 19.91 14.33 -10.27
C MET B 212 20.98 13.30 -10.59
N GLU B 213 20.72 12.45 -11.60
CA GLU B 213 21.65 11.42 -12.05
C GLU B 213 22.84 12.02 -12.78
N ILE B 214 22.61 13.12 -13.54
CA ILE B 214 23.68 13.87 -14.23
C ILE B 214 24.60 14.52 -13.17
N ASP B 215 24.01 15.02 -12.07
CA ASP B 215 24.75 15.65 -10.99
C ASP B 215 25.49 14.62 -10.13
N PHE B 216 24.95 13.39 -9.99
CA PHE B 216 25.64 12.36 -9.21
C PHE B 216 26.96 11.97 -9.87
N LEU B 217 26.93 11.84 -11.20
CA LEU B 217 28.10 11.46 -11.98
C LEU B 217 29.09 12.60 -12.18
N GLU B 218 28.63 13.87 -12.23
CA GLU B 218 29.55 14.98 -12.47
C GLU B 218 30.08 15.63 -11.19
N LEU B 219 29.23 15.77 -10.17
CA LEU B 219 29.67 16.39 -8.92
C LEU B 219 30.51 15.45 -8.06
N ALA B 220 31.18 16.02 -7.06
CA ALA B 220 31.93 15.23 -6.08
C ALA B 220 30.93 14.80 -5.01
N MET B 221 31.27 13.77 -4.23
CA MET B 221 30.37 13.25 -3.20
C MET B 221 29.76 14.31 -2.28
N ASP B 222 30.61 15.16 -1.69
CA ASP B 222 30.16 16.18 -0.73
C ASP B 222 29.39 17.33 -1.38
N GLU B 223 29.60 17.58 -2.68
CA GLU B 223 28.87 18.62 -3.39
C GLU B 223 27.44 18.14 -3.67
N PHE B 224 27.31 16.87 -4.11
CA PHE B 224 26.02 16.26 -4.46
C PHE B 224 25.12 16.10 -3.23
N ILE B 225 25.67 15.55 -2.15
CA ILE B 225 24.93 15.34 -0.91
C ILE B 225 24.47 16.70 -0.34
N GLU B 226 25.25 17.78 -0.57
CA GLU B 226 24.88 19.12 -0.14
C GLU B 226 23.73 19.64 -1.01
N ARG B 227 23.91 19.66 -2.35
CA ARG B 227 22.92 20.14 -3.34
C ARG B 227 21.54 19.50 -3.20
N TYR B 228 21.51 18.18 -2.92
CA TYR B 228 20.24 17.46 -2.85
C TYR B 228 19.74 17.20 -1.41
N LYS B 229 20.36 17.87 -0.42
CA LYS B 229 19.99 17.81 1.01
C LYS B 229 19.92 16.37 1.53
N LEU B 230 20.92 15.56 1.15
CA LEU B 230 20.96 14.15 1.54
C LEU B 230 21.84 13.85 2.74
N GLU B 231 22.13 14.86 3.58
CA GLU B 231 22.93 14.66 4.78
C GLU B 231 22.16 13.80 5.79
N GLY B 232 22.82 12.78 6.35
CA GLY B 232 22.20 11.88 7.31
C GLY B 232 21.47 10.70 6.68
N TYR B 233 21.53 10.56 5.35
CA TYR B 233 20.90 9.48 4.61
C TYR B 233 21.87 8.37 4.15
N ALA B 234 23.13 8.41 4.63
CA ALA B 234 24.21 7.46 4.37
C ALA B 234 24.48 7.18 2.88
N PHE B 235 24.38 8.20 2.02
CA PHE B 235 24.67 8.00 0.59
C PHE B 235 26.14 7.66 0.35
N GLU B 236 27.03 8.15 1.23
CA GLU B 236 28.46 7.87 1.24
C GLU B 236 28.71 6.35 1.30
N HIS B 237 27.91 5.65 2.12
CA HIS B 237 27.98 4.20 2.29
C HIS B 237 27.12 3.46 1.23
N ILE B 238 25.79 3.70 1.19
CA ILE B 238 24.82 3.04 0.32
C ILE B 238 25.09 3.22 -1.18
N VAL B 239 25.24 4.47 -1.64
CA VAL B 239 25.34 4.73 -3.06
C VAL B 239 26.79 4.85 -3.53
N TYR B 240 27.61 5.62 -2.83
CA TYR B 240 29.01 5.81 -3.22
C TYR B 240 29.91 4.60 -2.94
N GLY B 241 29.67 3.93 -1.83
CA GLY B 241 30.47 2.78 -1.44
C GLY B 241 31.66 3.15 -0.59
N ASP B 242 31.94 2.33 0.41
CA ASP B 242 33.05 2.51 1.33
C ASP B 242 34.10 1.49 0.92
N PHE B 243 35.26 1.95 0.44
CA PHE B 243 36.31 1.01 0.03
C PHE B 243 37.49 1.00 0.99
N SER B 244 37.32 1.54 2.20
CA SER B 244 38.39 1.67 3.17
C SER B 244 38.68 0.41 3.99
N HIS B 245 37.69 -0.48 4.15
CA HIS B 245 37.91 -1.72 4.90
C HIS B 245 37.91 -2.96 4.00
N SER B 246 38.33 -4.12 4.54
CA SER B 246 38.38 -5.36 3.77
C SER B 246 37.01 -5.74 3.23
N GLN B 247 35.94 -5.46 4.01
CA GLN B 247 34.59 -5.66 3.51
C GLN B 247 34.12 -4.34 2.89
N LEU B 248 33.75 -4.41 1.59
CA LEU B 248 33.25 -3.28 0.81
C LEU B 248 31.93 -2.86 1.43
N GLY B 249 31.85 -1.60 1.78
CA GLY B 249 30.68 -1.03 2.40
C GLY B 249 29.69 -0.48 1.40
N GLY B 250 28.43 -0.84 1.57
CA GLY B 250 27.34 -0.39 0.74
C GLY B 250 27.45 -0.79 -0.71
N LEU B 251 27.36 0.21 -1.60
CA LEU B 251 27.42 0.07 -3.05
C LEU B 251 26.23 -0.77 -3.60
N HIS B 252 25.01 -0.34 -3.28
CA HIS B 252 23.81 -1.09 -3.67
C HIS B 252 23.03 -0.48 -4.82
N LEU B 253 23.44 0.68 -5.34
CA LEU B 253 22.76 1.32 -6.47
C LEU B 253 23.66 1.24 -7.68
N LEU B 254 23.13 0.84 -8.85
CA LEU B 254 23.94 0.73 -10.06
C LEU B 254 24.63 2.03 -10.47
N ILE B 255 24.02 3.20 -10.22
CA ILE B 255 24.64 4.48 -10.56
C ILE B 255 25.97 4.69 -9.78
N GLY B 256 26.02 4.21 -8.54
CA GLY B 256 27.21 4.33 -7.71
C GLY B 256 28.34 3.43 -8.19
N LEU B 257 27.98 2.24 -8.67
CA LEU B 257 28.92 1.30 -9.26
C LEU B 257 29.45 1.88 -10.58
N ALA B 258 28.58 2.53 -11.37
CA ALA B 258 28.95 3.14 -12.65
C ALA B 258 29.91 4.31 -12.42
N LYS B 259 29.68 5.10 -11.35
CA LYS B 259 30.54 6.24 -11.04
C LYS B 259 31.96 5.75 -10.68
N ARG B 260 32.02 4.69 -9.84
CA ARG B 260 33.26 4.05 -9.38
C ARG B 260 34.03 3.49 -10.56
N PHE B 261 33.32 2.85 -11.49
CA PHE B 261 33.83 2.22 -12.70
C PHE B 261 34.61 3.16 -13.63
N LYS B 262 34.25 4.47 -13.68
CA LYS B 262 34.94 5.46 -14.53
C LYS B 262 36.36 5.72 -14.01
N GLU B 263 36.55 5.69 -12.69
CA GLU B 263 37.83 5.95 -12.03
C GLU B 263 38.70 4.68 -11.95
N SER B 264 38.16 3.59 -11.38
CA SER B 264 38.90 2.34 -11.28
C SER B 264 38.01 1.12 -11.51
N PRO B 265 38.56 0.03 -12.05
CA PRO B 265 37.72 -1.14 -12.34
C PRO B 265 37.51 -2.07 -11.14
N PHE B 266 36.59 -3.02 -11.29
CA PHE B 266 36.30 -4.01 -10.26
C PHE B 266 35.67 -5.27 -10.86
N GLU B 267 35.80 -6.40 -10.17
CA GLU B 267 35.23 -7.66 -10.60
C GLU B 267 33.87 -7.86 -9.98
N LEU B 268 32.83 -8.03 -10.80
CA LEU B 268 31.49 -8.32 -10.34
C LEU B 268 31.24 -9.75 -10.73
N GLU B 269 31.17 -10.66 -9.77
CA GLU B 269 30.90 -12.06 -10.06
C GLU B 269 29.40 -12.33 -9.96
N ASP B 270 28.75 -12.54 -11.10
CA ASP B 270 27.34 -12.84 -11.20
C ASP B 270 27.14 -14.35 -10.90
N PHE B 271 27.13 -14.73 -9.61
CA PHE B 271 27.03 -16.14 -9.22
C PHE B 271 25.65 -16.78 -9.47
N ILE B 272 24.58 -15.99 -9.67
CA ILE B 272 23.28 -16.52 -10.07
C ILE B 272 22.92 -15.77 -11.35
N PRO B 273 23.41 -16.20 -12.53
CA PRO B 273 23.15 -15.44 -13.77
C PRO B 273 21.73 -15.62 -14.34
N MET B 274 20.90 -14.65 -14.06
CA MET B 274 19.51 -14.60 -14.44
C MET B 274 19.00 -13.16 -14.36
N ASP B 275 17.87 -12.90 -14.98
CA ASP B 275 17.27 -11.59 -14.92
C ASP B 275 16.50 -11.45 -13.60
N SER B 276 16.82 -10.42 -12.80
CA SER B 276 16.07 -10.14 -11.57
C SER B 276 16.15 -8.66 -11.19
N THR B 277 15.10 -8.19 -10.50
CA THR B 277 14.92 -6.80 -10.04
C THR B 277 16.13 -6.40 -9.20
N VAL B 278 16.53 -7.28 -8.27
CA VAL B 278 17.73 -7.11 -7.49
C VAL B 278 18.78 -8.15 -7.95
N LYS B 279 20.00 -7.71 -8.25
CA LYS B 279 21.06 -8.61 -8.66
C LYS B 279 22.09 -8.77 -7.54
N ASN B 280 22.69 -9.96 -7.40
CA ASN B 280 23.70 -10.20 -6.36
C ASN B 280 25.03 -10.46 -6.98
N TYR B 281 26.05 -9.73 -6.56
CA TYR B 281 27.41 -9.93 -7.11
C TYR B 281 28.43 -10.11 -6.05
N PHE B 282 29.42 -10.96 -6.32
CA PHE B 282 30.57 -11.10 -5.44
C PHE B 282 31.52 -10.04 -6.01
N ILE B 283 31.64 -8.88 -5.35
CA ILE B 283 32.44 -7.78 -5.89
C ILE B 283 33.84 -7.70 -5.26
N THR B 284 34.88 -7.45 -6.10
CA THR B 284 36.25 -7.27 -5.65
C THR B 284 36.71 -5.96 -6.27
N ASP B 285 36.99 -4.94 -5.46
CA ASP B 285 37.47 -3.67 -5.96
C ASP B 285 38.95 -3.84 -6.30
N ALA B 286 39.34 -3.65 -7.57
CA ALA B 286 40.73 -3.86 -8.01
C ALA B 286 41.74 -2.86 -7.43
N GLN B 287 41.31 -1.62 -7.18
CA GLN B 287 42.19 -0.60 -6.65
C GLN B 287 42.58 -0.83 -5.19
N THR B 288 41.59 -1.10 -4.35
CA THR B 288 41.81 -1.22 -2.92
C THR B 288 41.90 -2.67 -2.40
N GLY B 289 41.25 -3.60 -3.06
CA GLY B 289 41.12 -4.96 -2.54
C GLY B 289 39.96 -5.10 -1.57
N SER B 290 39.07 -4.10 -1.52
CA SER B 290 37.87 -4.14 -0.71
C SER B 290 36.93 -5.10 -1.44
N SER B 291 36.29 -6.06 -0.74
CA SER B 291 35.40 -7.00 -1.40
C SER B 291 34.15 -7.38 -0.57
N LYS B 292 33.12 -7.93 -1.23
CA LYS B 292 31.89 -8.37 -0.58
C LYS B 292 31.36 -9.56 -1.35
N CYS B 293 31.12 -10.70 -0.67
CA CYS B 293 30.59 -11.92 -1.32
C CYS B 293 29.24 -11.71 -1.90
N VAL B 294 28.33 -11.07 -1.16
CA VAL B 294 26.98 -10.83 -1.65
C VAL B 294 26.69 -9.35 -1.61
N CYS B 295 26.90 -8.66 -2.73
CA CYS B 295 26.61 -7.25 -2.81
C CYS B 295 25.37 -7.09 -3.68
N SER B 296 24.21 -6.86 -3.04
CA SER B 296 22.96 -6.69 -3.76
C SER B 296 22.94 -5.33 -4.44
N VAL B 297 22.62 -5.32 -5.73
CA VAL B 297 22.63 -4.12 -6.54
C VAL B 297 21.28 -3.99 -7.21
N ILE B 298 20.71 -2.81 -7.12
CA ILE B 298 19.46 -2.48 -7.76
C ILE B 298 19.69 -1.26 -8.66
N ASP B 299 19.09 -1.25 -9.84
CA ASP B 299 19.19 -0.10 -10.71
C ASP B 299 17.91 0.72 -10.67
N LEU B 300 17.78 1.58 -9.68
CA LEU B 300 16.65 2.47 -9.58
C LEU B 300 17.13 3.81 -10.09
N LEU B 301 16.21 4.64 -10.61
CA LEU B 301 16.54 6.03 -10.97
C LEU B 301 16.91 6.72 -9.65
N LEU B 302 18.02 7.45 -9.57
CA LEU B 302 18.47 8.02 -8.29
C LEU B 302 17.38 8.81 -7.55
N ASP B 303 16.47 9.46 -8.31
CA ASP B 303 15.35 10.23 -7.79
C ASP B 303 14.36 9.31 -7.07
N ASP B 304 14.12 8.12 -7.65
CA ASP B 304 13.23 7.12 -7.09
C ASP B 304 13.80 6.52 -5.83
N PHE B 305 15.13 6.31 -5.77
CA PHE B 305 15.81 5.79 -4.59
C PHE B 305 15.79 6.85 -3.47
N VAL B 306 16.03 8.12 -3.83
CA VAL B 306 16.00 9.24 -2.89
C VAL B 306 14.58 9.37 -2.31
N GLU B 307 13.54 9.25 -3.15
CA GLU B 307 12.15 9.28 -2.70
C GLU B 307 11.85 8.14 -1.69
N ILE B 308 12.31 6.92 -1.98
CA ILE B 308 12.10 5.76 -1.11
C ILE B 308 12.78 5.97 0.24
N ILE B 309 14.08 6.35 0.25
CA ILE B 309 14.83 6.51 1.50
C ILE B 309 14.30 7.70 2.32
N LYS B 310 13.88 8.79 1.66
CA LYS B 310 13.33 9.95 2.35
C LYS B 310 11.89 9.75 2.84
N SER B 311 11.22 8.65 2.45
CA SER B 311 9.86 8.34 2.90
C SER B 311 9.84 7.30 4.02
N GLN B 312 11.01 7.03 4.66
CA GLN B 312 11.10 6.06 5.74
C GLN B 312 11.22 6.68 7.11
N ASP B 313 10.72 5.96 8.11
CA ASP B 313 10.83 6.40 9.49
C ASP B 313 12.23 6.01 9.97
N LEU B 314 13.02 6.99 10.40
CA LEU B 314 14.38 6.73 10.84
C LEU B 314 14.54 6.59 12.35
N SER B 315 13.49 6.16 13.06
CA SER B 315 13.53 6.07 14.52
C SER B 315 13.81 4.67 15.09
N VAL B 316 13.92 3.64 14.23
CA VAL B 316 14.17 2.28 14.73
C VAL B 316 15.53 1.76 14.29
N VAL B 317 16.20 0.95 15.13
CA VAL B 317 17.52 0.40 14.81
C VAL B 317 17.52 -0.50 13.56
N SER B 318 16.64 -1.50 13.51
CA SER B 318 16.60 -2.46 12.40
C SER B 318 15.15 -2.65 11.98
N LYS B 319 14.87 -2.54 10.68
CA LYS B 319 13.50 -2.62 10.19
C LYS B 319 13.46 -3.07 8.73
N VAL B 320 12.47 -3.89 8.36
CA VAL B 320 12.29 -4.31 6.97
C VAL B 320 11.39 -3.27 6.29
N VAL B 321 11.79 -2.80 5.12
CA VAL B 321 11.06 -1.83 4.33
C VAL B 321 10.67 -2.52 3.04
N LYS B 322 9.40 -2.73 2.78
CA LYS B 322 8.92 -3.37 1.55
C LYS B 322 8.65 -2.27 0.48
N VAL B 323 9.16 -2.43 -0.75
CA VAL B 323 8.95 -1.47 -1.83
C VAL B 323 8.51 -2.22 -3.07
N THR B 324 7.42 -1.79 -3.74
CA THR B 324 7.00 -2.44 -4.98
C THR B 324 7.89 -1.96 -6.13
N ILE B 325 8.70 -2.87 -6.70
CA ILE B 325 9.59 -2.59 -7.81
C ILE B 325 9.37 -3.69 -8.84
N ASP B 326 9.05 -3.32 -10.09
CA ASP B 326 8.78 -4.21 -11.21
C ASP B 326 7.61 -5.15 -10.92
N TYR B 327 6.59 -4.62 -10.20
CA TYR B 327 5.37 -5.29 -9.74
C TYR B 327 5.60 -6.30 -8.61
N THR B 328 6.86 -6.48 -8.17
CA THR B 328 7.16 -7.40 -7.08
C THR B 328 7.48 -6.66 -5.78
N GLU B 329 7.25 -7.32 -4.66
CA GLU B 329 7.57 -6.73 -3.36
C GLU B 329 9.05 -6.99 -3.04
N ILE B 330 9.87 -5.92 -3.04
CA ILE B 330 11.27 -5.98 -2.69
C ILE B 330 11.47 -5.54 -1.23
N SER B 331 11.99 -6.45 -0.41
CA SER B 331 12.30 -6.16 0.99
C SER B 331 13.68 -5.56 1.07
N PHE B 332 13.80 -4.48 1.85
CA PHE B 332 15.04 -3.78 2.09
C PHE B 332 15.27 -3.81 3.57
N MET B 333 16.53 -3.73 3.95
CA MET B 333 16.88 -3.66 5.34
C MET B 333 17.29 -2.23 5.63
N LEU B 334 16.60 -1.57 6.57
CA LEU B 334 16.92 -0.19 6.94
C LEU B 334 17.50 -0.16 8.35
N TRP B 335 18.71 0.35 8.48
CA TRP B 335 19.41 0.43 9.76
C TRP B 335 19.64 1.86 10.13
N CYS B 336 19.16 2.27 11.29
CA CYS B 336 19.28 3.66 11.73
C CYS B 336 19.96 3.76 13.09
N LYS B 337 20.41 4.98 13.44
CA LYS B 337 21.04 5.31 14.72
C LYS B 337 20.85 6.81 14.91
N ASP B 338 20.30 7.25 16.07
CA ASP B 338 20.09 8.65 16.41
C ASP B 338 19.34 9.46 15.34
N GLY B 339 18.39 8.82 14.66
CA GLY B 339 17.59 9.47 13.62
C GLY B 339 18.23 9.61 12.25
N HIS B 340 19.38 9.00 12.06
CA HIS B 340 20.07 9.05 10.78
C HIS B 340 20.24 7.64 10.22
N VAL B 341 20.27 7.52 8.89
CA VAL B 341 20.47 6.23 8.22
C VAL B 341 21.92 5.79 8.42
N GLU B 342 22.11 4.51 8.71
CA GLU B 342 23.43 3.89 8.81
C GLU B 342 23.63 3.11 7.51
N THR B 343 22.65 2.26 7.14
CA THR B 343 22.63 1.52 5.88
C THR B 343 21.18 1.23 5.46
N PHE B 344 20.98 0.99 4.16
CA PHE B 344 19.71 0.67 3.52
C PHE B 344 20.08 -0.19 2.32
N TYR B 345 19.60 -1.44 2.28
CA TYR B 345 20.00 -2.36 1.21
C TYR B 345 18.95 -3.39 0.86
N PRO B 346 18.84 -3.81 -0.42
CA PRO B 346 17.90 -4.89 -0.77
C PRO B 346 18.26 -6.17 0.01
N LYS B 347 17.37 -6.57 0.93
CA LYS B 347 17.48 -7.71 1.88
C LYS B 347 17.79 -9.07 1.24
N LEU B 348 18.95 -9.64 1.65
CA LEU B 348 19.51 -10.93 1.20
C LEU B 348 18.88 -12.08 2.04
N GLN B 349 18.19 -13.04 1.34
CA GLN B 349 17.44 -14.21 1.89
C GLN B 349 16.74 -13.90 3.26
C1 CIT C . -15.45 2.59 41.49
O1 CIT C . -15.88 1.62 40.72
O2 CIT C . -15.96 2.84 42.55
C2 CIT C . -14.26 3.36 40.96
C3 CIT C . -13.62 2.95 39.62
O7 CIT C . -14.53 3.21 38.55
C4 CIT C . -12.39 3.84 39.40
C5 CIT C . -12.62 5.31 39.56
O3 CIT C . -13.55 5.91 39.05
O4 CIT C . -11.71 5.89 40.32
C6 CIT C . -13.21 1.47 39.59
O5 CIT C . -13.50 0.73 38.66
O6 CIT C . -12.42 1.13 40.58
N1 W3G D . -28.00 20.78 11.53
O W3G D . -26.02 19.64 11.83
C W3G D . -27.01 19.74 11.19
N W3G D . -29.24 20.93 10.76
C3 W3G D . -29.51 20.04 9.62
C2 W3G D . -28.53 18.97 9.28
C1 W3G D . -27.29 18.83 10.04
C1 CIT E . 24.97 -6.13 4.00
O1 CIT E . 24.65 -7.18 4.54
O2 CIT E . 25.53 -6.08 2.82
C2 CIT E . 24.76 -4.80 4.66
C3 CIT E . 25.89 -3.75 4.61
O7 CIT E . 25.75 -2.93 5.77
C4 CIT E . 27.23 -4.52 4.63
C5 CIT E . 28.48 -3.73 4.51
O3 CIT E . 29.48 -4.26 5.15
O4 CIT E . 28.56 -2.70 3.89
C6 CIT E . 25.70 -2.86 3.39
O5 CIT E . 25.87 -3.49 2.26
O6 CIT E . 25.35 -1.69 3.49
N1 W3G F . 23.24 -20.41 -28.41
O W3G F . 21.69 -19.30 -27.05
C W3G F . 22.23 -19.36 -28.13
N W3G F . 23.89 -20.48 -29.71
C3 W3G F . 23.59 -19.53 -30.78
C2 W3G F . 22.59 -18.46 -30.49
C1 W3G F . 21.91 -18.38 -29.19
#